data_2NWQ
#
_entry.id   2NWQ
#
_cell.length_a   64.982
_cell.length_b   107.920
_cell.length_c   71.457
_cell.angle_alpha   90.00
_cell.angle_beta   102.92
_cell.angle_gamma   90.00
#
_symmetry.space_group_name_H-M   'P 1 21 1'
#
loop_
_entity.id
_entity.type
_entity.pdbx_description
1 polymer 'Probable short-chain dehydrogenase'
2 non-polymer 'SULFATE ION'
3 water water
#
_entity_poly.entity_id   1
_entity_poly.type   'polypeptide(L)'
_entity_poly.pdbx_seq_one_letter_code
;GSSHHHHHHSSGLVPRGSH(MSE)SSTLFITGATSGFGEACARRFAEAGWSLVLTGRREERLQALAGELSAKTRVLPLTL
DVRDRAA(MSE)SAAVDNLPEEFATLRGLINNAGLALGTDPAQSCDLDDWDT(MSE)VDTNIKGLLYSTRLLLPRLIAHG
AGASIVNLGSVAGKWPYPGSHVYGGTKAFVEQFSLNLRCDLQGTGVRVTNLEPGLCESEFSLVRFGGDQARYDKTYAGAH
PIQPEDIAETIFWI(MSE)NQPAHLNINSLEI(MSE)PVSQSWAGFAIHRES
;
_entity_poly.pdbx_strand_id   A,B,C,D
#
loop_
_chem_comp.id
_chem_comp.type
_chem_comp.name
_chem_comp.formula
SO4 non-polymer 'SULFATE ION' 'O4 S -2'
#
# COMPACT_ATOMS: atom_id res chain seq x y z
N SER A 21 21.85 15.36 25.40
CA SER A 21 21.34 16.75 25.21
C SER A 21 20.35 16.79 24.06
N SER A 22 19.54 17.84 23.98
CA SER A 22 18.51 17.91 22.94
C SER A 22 18.99 18.71 21.76
N THR A 23 19.56 18.00 20.78
CA THR A 23 20.14 18.61 19.60
C THR A 23 19.36 18.24 18.32
N LEU A 24 19.13 19.22 17.46
CA LEU A 24 18.31 19.02 16.27
C LEU A 24 18.93 19.59 15.00
N PHE A 25 19.00 18.75 13.96
CA PHE A 25 19.47 19.12 12.62
C PHE A 25 18.25 19.23 11.66
N ILE A 26 18.19 20.31 10.88
CA ILE A 26 17.05 20.54 10.00
C ILE A 26 17.56 20.94 8.63
N THR A 27 17.21 20.15 7.62
CA THR A 27 17.54 20.50 6.26
C THR A 27 16.43 21.40 5.68
N GLY A 28 16.82 22.40 4.89
CA GLY A 28 15.87 23.33 4.26
C GLY A 28 15.10 24.11 5.31
N ALA A 29 15.85 24.74 6.22
CA ALA A 29 15.30 25.36 7.45
C ALA A 29 14.66 26.69 7.14
N THR A 30 14.96 27.19 5.95
CA THR A 30 14.25 28.32 5.40
C THR A 30 13.17 27.86 4.39
N SER A 31 13.27 26.63 3.86
CA SER A 31 12.42 26.20 2.73
C SER A 31 10.93 25.84 2.99
N GLY A 32 10.61 24.72 3.65
CA GLY A 32 9.20 24.26 3.63
C GLY A 32 8.48 24.40 4.96
N PHE A 33 8.60 23.34 5.75
CA PHE A 33 8.10 23.36 7.09
C PHE A 33 9.28 23.59 8.02
N GLY A 34 10.43 23.82 7.41
CA GLY A 34 11.72 23.95 8.10
C GLY A 34 11.79 25.07 9.11
N GLU A 35 11.26 26.23 8.74
CA GLU A 35 11.26 27.41 9.64
C GLU A 35 10.31 27.20 10.81
N ALA A 36 9.12 26.68 10.53
CA ALA A 36 8.14 26.40 11.59
C ALA A 36 8.73 25.44 12.63
N CYS A 37 9.36 24.36 12.15
CA CYS A 37 10.05 23.40 13.02
C CYS A 37 11.18 24.04 13.81
N ALA A 38 11.98 24.87 13.14
CA ALA A 38 13.02 25.63 13.83
C ALA A 38 12.45 26.45 14.99
N ARG A 39 11.40 27.23 14.71
CA ARG A 39 10.73 28.04 15.75
C ARG A 39 10.17 27.20 16.87
N ARG A 40 9.40 26.16 16.52
CA ARG A 40 8.78 25.25 17.49
C ARG A 40 9.78 24.58 18.42
N PHE A 41 10.88 24.05 17.88
CA PHE A 41 11.88 23.39 18.71
C PHE A 41 12.78 24.35 19.50
N ALA A 42 12.88 25.60 19.04
CA ALA A 42 13.58 26.65 19.79
C ALA A 42 12.81 26.97 21.07
N GLU A 43 11.49 27.07 20.98
CA GLU A 43 10.60 27.22 22.14
C GLU A 43 10.86 26.18 23.23
N ALA A 44 11.17 24.96 22.80
CA ALA A 44 11.48 23.85 23.70
C ALA A 44 12.94 23.81 24.12
N GLY A 45 13.73 24.75 23.60
CA GLY A 45 15.11 24.88 24.01
C GLY A 45 16.09 23.91 23.42
N TRP A 46 15.73 23.23 22.33
CA TRP A 46 16.68 22.33 21.66
C TRP A 46 17.77 23.14 20.97
N SER A 47 18.99 22.59 20.96
CA SER A 47 20.09 23.24 20.24
C SER A 47 19.99 22.88 18.76
N LEU A 48 20.03 23.90 17.89
CA LEU A 48 19.66 23.72 16.48
C LEU A 48 20.80 23.91 15.49
N VAL A 49 20.94 22.94 14.57
CA VAL A 49 21.70 23.16 13.33
C VAL A 49 20.67 23.32 12.22
N LEU A 50 20.71 24.45 11.54
CA LEU A 50 19.77 24.75 10.47
C LEU A 50 20.49 24.91 9.13
N THR A 51 20.10 24.14 8.12
CA THR A 51 20.70 24.29 6.79
C THR A 51 19.77 24.91 5.75
N GLY A 52 20.33 25.62 4.78
CA GLY A 52 19.55 26.27 3.74
C GLY A 52 20.41 26.85 2.65
N ARG A 53 19.82 27.04 1.47
CA ARG A 53 20.50 27.67 0.32
C ARG A 53 20.55 29.18 0.46
N ARG A 54 19.49 29.74 1.04
CA ARG A 54 19.36 31.20 1.16
C ARG A 54 20.07 31.69 2.42
N GLU A 55 21.30 32.16 2.27
CA GLU A 55 22.15 32.51 3.42
C GLU A 55 21.62 33.65 4.28
N GLU A 56 21.08 34.68 3.63
CA GLU A 56 20.65 35.87 4.33
C GLU A 56 19.43 35.58 5.20
N ARG A 57 18.49 34.84 4.62
CA ARG A 57 17.25 34.46 5.29
C ARG A 57 17.51 33.42 6.38
N LEU A 58 18.45 32.51 6.12
CA LEU A 58 18.84 31.51 7.10
C LEU A 58 19.47 32.16 8.33
N GLN A 59 20.38 33.10 8.09
CA GLN A 59 21.05 33.86 9.16
C GLN A 59 20.14 34.78 9.97
N ALA A 60 19.11 35.34 9.33
CA ALA A 60 18.16 36.23 10.01
C ALA A 60 17.31 35.46 11.02
N LEU A 61 16.90 34.25 10.62
CA LEU A 61 16.14 33.33 11.48
C LEU A 61 16.96 32.83 12.66
N ALA A 62 18.22 32.46 12.40
CA ALA A 62 19.16 32.03 13.43
C ALA A 62 19.42 33.16 14.41
N GLY A 63 19.66 34.37 13.88
CA GLY A 63 19.83 35.56 14.71
C GLY A 63 18.64 35.80 15.60
N GLU A 64 17.44 35.60 15.05
CA GLU A 64 16.19 35.76 15.78
C GLU A 64 15.98 34.70 16.88
N LEU A 65 16.21 33.43 16.52
CA LEU A 65 16.02 32.33 17.45
C LEU A 65 17.17 32.14 18.46
N SER A 66 18.35 32.71 18.17
CA SER A 66 19.50 32.74 19.10
C SER A 66 19.22 33.35 20.48
N ALA A 67 18.10 34.08 20.59
CA ALA A 67 17.66 34.68 21.85
C ALA A 67 16.95 33.66 22.74
N LYS A 68 16.46 32.58 22.13
CA LYS A 68 15.72 31.54 22.84
C LYS A 68 16.53 30.25 23.04
N THR A 69 17.52 30.04 22.17
CA THR A 69 18.27 28.78 22.15
C THR A 69 19.54 28.88 21.32
N ARG A 70 20.39 27.86 21.40
CA ARG A 70 21.57 27.77 20.56
C ARG A 70 21.22 27.37 19.13
N VAL A 71 21.69 28.16 18.17
CA VAL A 71 21.44 27.93 16.75
C VAL A 71 22.75 28.04 15.95
N LEU A 72 22.94 27.11 15.01
CA LEU A 72 24.08 27.10 14.08
C LEU A 72 23.58 27.06 12.63
N PRO A 73 23.60 28.23 11.95
CA PRO A 73 23.17 28.29 10.56
C PRO A 73 24.26 27.79 9.62
N LEU A 74 23.88 26.91 8.70
CA LEU A 74 24.81 26.31 7.74
C LEU A 74 24.28 26.52 6.35
N THR A 75 24.95 27.37 5.58
CA THR A 75 24.57 27.62 4.21
C THR A 75 25.00 26.42 3.38
N LEU A 76 24.03 25.61 2.97
CA LEU A 76 24.34 24.52 2.06
C LEU A 76 23.15 24.02 1.26
N ASP A 77 23.48 23.41 0.13
CA ASP A 77 22.55 22.74 -0.76
C ASP A 77 22.74 21.25 -0.50
N VAL A 78 21.63 20.59 -0.12
CA VAL A 78 21.63 19.16 0.28
C VAL A 78 22.06 18.22 -0.84
N ARG A 79 21.89 18.67 -2.09
CA ARG A 79 22.37 17.94 -3.27
C ARG A 79 23.87 17.77 -3.32
N ASP A 80 24.63 18.64 -2.66
CA ASP A 80 26.10 18.63 -2.72
C ASP A 80 26.69 17.74 -1.63
N ARG A 81 27.03 16.53 -2.04
CA ARG A 81 27.52 15.49 -1.15
C ARG A 81 28.77 15.90 -0.40
N ALA A 82 29.74 16.48 -1.12
CA ALA A 82 31.00 16.91 -0.54
C ALA A 82 30.84 18.03 0.49
N ALA A 83 29.95 18.99 0.21
CA ALA A 83 29.71 20.13 1.10
C ALA A 83 28.98 19.70 2.37
N MSE A 84 28.02 18.79 2.21
CA MSE A 84 27.27 18.22 3.32
C MSE A 84 28.21 17.41 4.22
O MSE A 84 28.18 17.52 5.44
CB MSE A 84 26.13 17.35 2.77
CG MSE A 84 25.18 16.74 3.81
SE MSE A 84 24.04 18.05 4.74
CE MSE A 84 23.62 19.12 3.18
N SER A 85 29.07 16.61 3.59
CA SER A 85 30.01 15.77 4.31
C SER A 85 31.05 16.61 5.08
N ALA A 86 31.56 17.68 4.45
CA ALA A 86 32.47 18.60 5.13
C ALA A 86 31.82 19.28 6.32
N ALA A 87 30.58 19.71 6.14
CA ALA A 87 29.83 20.41 7.19
C ALA A 87 29.57 19.52 8.41
N VAL A 88 29.25 18.25 8.16
CA VAL A 88 29.01 17.28 9.23
C VAL A 88 30.27 17.01 10.04
N ASP A 89 31.40 16.83 9.36
CA ASP A 89 32.70 16.64 10.05
C ASP A 89 33.09 17.83 10.90
N ASN A 90 32.64 19.01 10.50
CA ASN A 90 33.00 20.28 11.14
C ASN A 90 32.06 20.72 12.23
N LEU A 91 31.00 19.96 12.47
CA LEU A 91 30.09 20.25 13.58
C LEU A 91 30.87 20.27 14.89
N PRO A 92 30.56 21.23 15.78
CA PRO A 92 31.14 21.30 17.12
C PRO A 92 30.76 20.09 17.99
N GLU A 93 31.48 19.89 19.10
CA GLU A 93 31.37 18.64 19.86
C GLU A 93 30.07 18.48 20.64
N GLU A 94 29.32 19.56 20.77
CA GLU A 94 28.01 19.48 21.41
C GLU A 94 27.13 18.54 20.58
N PHE A 95 27.55 18.31 19.33
CA PHE A 95 26.83 17.42 18.41
C PHE A 95 27.49 16.06 18.19
N ALA A 96 28.47 15.70 19.02
CA ALA A 96 29.03 14.34 18.99
C ALA A 96 27.90 13.31 19.03
N THR A 97 26.84 13.68 19.74
CA THR A 97 25.59 12.93 19.70
C THR A 97 24.48 13.87 19.22
N LEU A 98 23.50 13.31 18.51
CA LEU A 98 22.45 14.10 17.92
C LEU A 98 21.12 13.47 18.26
N ARG A 99 20.20 14.27 18.78
CA ARG A 99 18.90 13.75 19.17
C ARG A 99 17.94 13.58 18.00
N GLY A 100 17.82 14.61 17.16
CA GLY A 100 16.84 14.59 16.09
C GLY A 100 17.39 15.02 14.75
N LEU A 101 16.83 14.45 13.69
CA LEU A 101 17.08 14.92 12.33
C LEU A 101 15.76 15.05 11.58
N ILE A 102 15.40 16.26 11.20
CA ILE A 102 14.24 16.48 10.29
C ILE A 102 14.76 16.64 8.86
N ASN A 103 14.57 15.62 8.03
CA ASN A 103 14.86 15.70 6.60
C ASN A 103 13.73 16.41 5.84
N ASN A 104 13.83 17.73 5.75
CA ASN A 104 12.73 18.54 5.26
C ASN A 104 12.99 19.15 3.88
N ALA A 105 14.26 19.26 3.48
CA ALA A 105 14.61 19.79 2.14
C ALA A 105 13.98 18.92 1.04
N GLY A 106 13.38 19.58 0.06
CA GLY A 106 12.62 18.92 -0.97
C GLY A 106 11.82 19.93 -1.76
N LEU A 107 11.47 19.58 -2.99
CA LEU A 107 10.66 20.47 -3.85
C LEU A 107 9.84 19.67 -4.87
N ALA A 108 8.79 20.33 -5.39
CA ALA A 108 8.07 19.92 -6.59
C ALA A 108 8.35 20.94 -7.65
N LEU A 109 8.45 20.51 -8.89
CA LEU A 109 8.72 21.46 -9.98
C LEU A 109 7.64 21.48 -11.07
N GLY A 110 6.37 21.52 -10.63
CA GLY A 110 5.22 21.62 -11.55
C GLY A 110 4.49 20.30 -11.75
N THR A 111 3.34 20.38 -12.41
CA THR A 111 2.46 19.24 -12.70
C THR A 111 2.16 19.05 -14.23
N ASP A 112 3.08 19.49 -15.09
CA ASP A 112 3.00 19.21 -16.54
C ASP A 112 2.89 17.70 -16.79
N PRO A 113 2.26 17.29 -17.90
CA PRO A 113 2.33 15.88 -18.27
C PRO A 113 3.78 15.43 -18.41
N ALA A 114 4.09 14.22 -17.93
CA ALA A 114 5.45 13.68 -17.96
C ALA A 114 6.12 13.84 -19.33
N GLN A 115 5.35 13.60 -20.40
CA GLN A 115 5.91 13.55 -21.75
C GLN A 115 6.38 14.90 -22.25
N SER A 116 6.02 15.97 -21.56
CA SER A 116 6.44 17.30 -21.94
C SER A 116 7.44 17.92 -20.95
N CYS A 117 7.83 17.18 -19.92
CA CYS A 117 8.63 17.73 -18.82
C CYS A 117 10.09 17.96 -19.19
N ASP A 118 10.77 18.80 -18.41
CA ASP A 118 12.19 19.12 -18.61
C ASP A 118 13.01 18.22 -17.67
N LEU A 119 13.94 17.44 -18.24
CA LEU A 119 14.77 16.52 -17.43
C LEU A 119 15.64 17.17 -16.35
N ASP A 120 16.03 18.44 -16.56
CA ASP A 120 16.69 19.26 -15.51
C ASP A 120 15.83 19.30 -14.24
N ASP A 121 14.53 19.56 -14.41
CA ASP A 121 13.59 19.63 -13.29
C ASP A 121 13.53 18.31 -12.57
N TRP A 122 13.49 17.24 -13.35
CA TRP A 122 13.45 15.87 -12.82
C TRP A 122 14.74 15.54 -12.07
N ASP A 123 15.88 16.00 -12.60
CA ASP A 123 17.17 15.90 -11.95
C ASP A 123 17.17 16.61 -10.59
N THR A 124 16.79 17.89 -10.58
CA THR A 124 16.71 18.69 -9.35
C THR A 124 15.94 17.95 -8.25
N MSE A 125 14.75 17.42 -8.59
CA MSE A 125 13.88 16.70 -7.63
C MSE A 125 14.46 15.39 -7.12
O MSE A 125 14.37 15.11 -5.93
CB MSE A 125 12.47 16.44 -8.16
CG MSE A 125 11.61 17.67 -8.30
SE MSE A 125 9.82 17.17 -8.82
CE MSE A 125 10.15 16.86 -10.73
N VAL A 126 15.04 14.57 -8.00
CA VAL A 126 15.71 13.35 -7.56
C VAL A 126 16.89 13.66 -6.66
N ASP A 127 17.74 14.60 -7.08
CA ASP A 127 18.94 14.95 -6.33
C ASP A 127 18.60 15.59 -4.99
N THR A 128 17.53 16.38 -4.95
CA THR A 128 17.14 17.04 -3.70
C THR A 128 16.36 16.11 -2.76
N ASN A 129 15.24 15.59 -3.27
CA ASN A 129 14.26 14.85 -2.49
C ASN A 129 14.73 13.47 -2.09
N ILE A 130 15.58 12.86 -2.90
CA ILE A 130 16.13 11.54 -2.59
C ILE A 130 17.58 11.64 -2.16
N LYS A 131 18.46 12.10 -3.05
CA LYS A 131 19.90 12.11 -2.74
C LYS A 131 20.22 13.02 -1.54
N GLY A 132 19.67 14.23 -1.53
CA GLY A 132 19.83 15.14 -0.40
C GLY A 132 19.43 14.48 0.93
N LEU A 133 18.31 13.78 0.91
CA LEU A 133 17.83 13.06 2.09
C LEU A 133 18.80 11.95 2.48
N LEU A 134 19.30 11.20 1.48
CA LEU A 134 20.22 10.09 1.70
C LEU A 134 21.54 10.54 2.31
N TYR A 135 22.08 11.64 1.79
CA TYR A 135 23.32 12.23 2.29
C TYR A 135 23.16 12.67 3.74
N SER A 136 22.13 13.47 3.99
CA SER A 136 21.92 13.97 5.34
C SER A 136 21.74 12.81 6.30
N THR A 137 20.87 11.85 5.98
CA THR A 137 20.66 10.71 6.90
C THR A 137 21.87 9.79 7.11
N ARG A 138 22.61 9.45 6.06
CA ARG A 138 23.79 8.58 6.22
C ARG A 138 24.95 9.25 6.99
N LEU A 139 25.25 10.49 6.62
CA LEU A 139 26.31 11.27 7.28
C LEU A 139 26.05 11.55 8.75
N LEU A 140 24.78 11.72 9.11
CA LEU A 140 24.36 12.02 10.48
C LEU A 140 23.99 10.79 11.30
N LEU A 141 23.79 9.65 10.64
CA LEU A 141 23.34 8.42 11.30
C LEU A 141 24.20 7.98 12.49
N PRO A 142 25.55 7.93 12.35
CA PRO A 142 26.41 7.56 13.50
C PRO A 142 26.25 8.45 14.74
N ARG A 143 25.94 9.74 14.54
CA ARG A 143 25.71 10.67 15.66
C ARG A 143 24.36 10.38 16.33
N LEU A 144 23.36 10.06 15.52
CA LEU A 144 22.05 9.68 16.01
C LEU A 144 22.13 8.36 16.78
N ILE A 145 22.87 7.41 16.22
CA ILE A 145 23.14 6.16 16.89
C ILE A 145 23.91 6.38 18.18
N ALA A 146 24.81 7.36 18.19
CA ALA A 146 25.58 7.69 19.39
C ALA A 146 24.71 8.24 20.53
N HIS A 147 23.65 8.95 20.17
CA HIS A 147 22.66 9.47 21.15
C HIS A 147 21.87 8.32 21.78
N GLY A 148 21.46 7.37 20.95
CA GLY A 148 20.78 6.15 21.38
C GLY A 148 19.30 6.34 21.63
N ALA A 149 18.83 5.68 22.68
CA ALA A 149 17.45 5.77 23.13
C ALA A 149 16.91 7.20 23.04
N GLY A 150 15.78 7.36 22.38
CA GLY A 150 15.07 8.63 22.34
C GLY A 150 15.30 9.38 21.05
N ALA A 151 16.31 8.94 20.29
CA ALA A 151 16.68 9.58 19.04
C ALA A 151 15.62 9.34 17.97
N SER A 152 15.40 10.36 17.13
CA SER A 152 14.36 10.33 16.09
C SER A 152 14.82 10.94 14.79
N ILE A 153 14.51 10.25 13.70
CA ILE A 153 14.56 10.81 12.35
C ILE A 153 13.14 11.01 11.84
N VAL A 154 12.81 12.22 11.40
CA VAL A 154 11.55 12.44 10.72
C VAL A 154 11.85 12.80 9.27
N ASN A 155 11.35 11.96 8.37
CA ASN A 155 11.43 12.22 6.95
C ASN A 155 10.13 12.84 6.50
N LEU A 156 10.23 13.88 5.69
CA LEU A 156 9.02 14.49 5.14
CA LEU A 156 9.04 14.52 5.11
C LEU A 156 8.66 13.90 3.79
N GLY A 157 7.67 13.01 3.85
CA GLY A 157 7.13 12.39 2.68
C GLY A 157 6.00 13.26 2.24
N SER A 158 4.98 12.63 1.67
CA SER A 158 3.82 13.34 1.14
C SER A 158 2.74 12.32 0.88
N VAL A 159 1.49 12.78 0.81
CA VAL A 159 0.39 11.98 0.29
C VAL A 159 0.71 11.53 -1.15
N ALA A 160 1.51 12.33 -1.86
CA ALA A 160 1.91 12.03 -3.23
C ALA A 160 2.73 10.73 -3.31
N GLY A 161 3.25 10.29 -2.18
CA GLY A 161 3.99 9.05 -2.14
C GLY A 161 3.14 7.80 -2.25
N LYS A 162 1.83 7.89 -2.02
CA LYS A 162 1.00 6.73 -2.28
C LYS A 162 -0.19 6.93 -3.18
N TRP A 163 -0.65 8.17 -3.36
CA TRP A 163 -1.82 8.42 -4.18
C TRP A 163 -1.43 9.07 -5.50
N PRO A 164 -1.70 8.36 -6.63
CA PRO A 164 -1.42 8.90 -7.95
C PRO A 164 -2.38 10.04 -8.30
N TYR A 165 -1.86 11.00 -9.05
CA TYR A 165 -2.66 12.07 -9.62
C TYR A 165 -1.98 12.64 -10.88
N PRO A 166 -2.76 13.26 -11.78
CA PRO A 166 -2.17 13.91 -12.95
C PRO A 166 -1.02 14.87 -12.58
N GLY A 167 0.12 14.73 -13.28
CA GLY A 167 1.30 15.57 -13.04
C GLY A 167 2.11 15.21 -11.80
N SER A 168 1.74 14.14 -11.09
CA SER A 168 2.54 13.71 -9.91
C SER A 168 3.89 13.16 -10.29
N HIS A 169 3.94 12.44 -11.40
CA HIS A 169 5.15 11.72 -11.91
C HIS A 169 6.31 11.63 -10.92
N VAL A 170 7.33 12.47 -11.09
CA VAL A 170 8.57 12.36 -10.32
C VAL A 170 8.43 12.76 -8.85
N TYR A 171 7.67 13.83 -8.55
CA TYR A 171 7.50 14.23 -7.15
C TYR A 171 6.95 13.07 -6.30
N GLY A 172 5.85 12.50 -6.77
CA GLY A 172 5.25 11.32 -6.13
C GLY A 172 6.19 10.15 -6.04
N GLY A 173 6.91 9.87 -7.12
CA GLY A 173 7.96 8.84 -7.09
C GLY A 173 8.96 9.05 -5.96
N THR A 174 9.53 10.25 -5.86
CA THR A 174 10.50 10.60 -4.80
C THR A 174 9.91 10.41 -3.39
N LYS A 175 8.64 10.75 -3.23
CA LYS A 175 7.97 10.59 -1.93
C LYS A 175 7.63 9.14 -1.55
N ALA A 176 7.53 8.28 -2.56
CA ALA A 176 7.37 6.83 -2.31
C ALA A 176 8.74 6.23 -2.01
N PHE A 177 9.78 6.80 -2.62
CA PHE A 177 11.13 6.44 -2.24
C PHE A 177 11.30 6.71 -0.75
N VAL A 178 10.98 7.94 -0.34
CA VAL A 178 11.17 8.36 1.06
C VAL A 178 10.40 7.44 1.99
N GLU A 179 9.14 7.15 1.65
CA GLU A 179 8.33 6.23 2.47
C GLU A 179 8.99 4.87 2.68
N GLN A 180 9.44 4.25 1.59
CA GLN A 180 10.01 2.91 1.67
C GLN A 180 11.36 2.89 2.34
N PHE A 181 12.21 3.88 2.01
CA PHE A 181 13.49 4.07 2.69
C PHE A 181 13.36 4.17 4.23
N SER A 182 12.37 4.95 4.68
CA SER A 182 12.08 5.11 6.11
C SER A 182 11.85 3.78 6.81
N LEU A 183 10.90 3.00 6.26
CA LEU A 183 10.53 1.69 6.81
C LEU A 183 11.73 0.75 6.78
N ASN A 184 12.44 0.75 5.66
CA ASN A 184 13.67 -0.04 5.48
C ASN A 184 14.77 0.28 6.48
N LEU A 185 14.94 1.57 6.74
CA LEU A 185 15.94 2.08 7.66
C LEU A 185 15.77 1.49 9.07
N ARG A 186 14.52 1.38 9.53
CA ARG A 186 14.16 0.72 10.80
C ARG A 186 14.66 -0.73 10.92
N CYS A 187 14.74 -1.43 9.79
CA CYS A 187 15.21 -2.81 9.77
C CYS A 187 16.71 -2.88 9.98
N ASP A 188 17.40 -1.76 9.83
CA ASP A 188 18.84 -1.72 9.97
C ASP A 188 19.25 -1.19 11.34
N LEU A 189 18.30 -0.58 12.05
CA LEU A 189 18.58 0.16 13.29
C LEU A 189 18.28 -0.60 14.58
N GLN A 190 18.18 -1.93 14.50
CA GLN A 190 17.93 -2.75 15.68
C GLN A 190 18.98 -2.53 16.73
N GLY A 191 18.54 -2.31 17.98
CA GLY A 191 19.45 -2.20 19.12
C GLY A 191 20.05 -0.81 19.32
N THR A 192 19.68 0.14 18.46
CA THR A 192 20.24 1.50 18.53
C THR A 192 19.36 2.49 19.32
N GLY A 193 18.09 2.15 19.49
CA GLY A 193 17.11 3.10 20.07
C GLY A 193 16.60 4.15 19.10
N VAL A 194 17.22 4.27 17.93
CA VAL A 194 16.86 5.35 17.00
C VAL A 194 15.52 5.09 16.31
N ARG A 195 14.70 6.13 16.27
CA ARG A 195 13.36 6.02 15.69
C ARG A 195 13.28 6.66 14.32
N VAL A 196 12.44 6.09 13.46
CA VAL A 196 12.28 6.62 12.11
C VAL A 196 10.81 6.74 11.79
N THR A 197 10.44 7.92 11.33
CA THR A 197 9.06 8.27 11.00
C THR A 197 8.98 8.87 9.61
N ASN A 198 8.01 8.39 8.83
CA ASN A 198 7.67 9.05 7.61
C ASN A 198 6.41 9.88 7.85
N LEU A 199 6.54 11.20 7.80
CA LEU A 199 5.39 12.10 7.88
C LEU A 199 4.93 12.48 6.48
N GLU A 200 3.64 12.29 6.21
CA GLU A 200 3.10 12.44 4.86
C GLU A 200 1.96 13.50 4.84
N PRO A 201 2.31 14.79 4.60
CA PRO A 201 1.26 15.80 4.60
C PRO A 201 0.53 15.91 3.27
N GLY A 202 -0.72 16.36 3.32
CA GLY A 202 -1.48 16.66 2.12
C GLY A 202 -1.42 18.14 1.80
N LEU A 203 -2.56 18.71 1.46
CA LEU A 203 -2.65 20.09 1.03
C LEU A 203 -2.24 21.07 2.13
N CYS A 204 -1.19 21.84 1.83
CA CYS A 204 -0.65 22.85 2.74
CA CYS A 204 -0.69 22.84 2.76
C CYS A 204 -0.80 24.24 2.15
N GLU A 205 -0.69 25.26 3.01
CA GLU A 205 -0.74 26.68 2.63
C GLU A 205 0.50 27.10 1.80
N GLY A 226 -11.22 28.55 0.76
CA GLY A 226 -12.01 28.06 1.89
C GLY A 226 -11.63 26.66 2.36
N ALA A 227 -10.45 26.20 1.96
CA ALA A 227 -10.03 24.82 2.23
C ALA A 227 -9.45 24.59 3.64
N HIS A 228 -9.12 25.68 4.35
CA HIS A 228 -8.34 25.59 5.59
C HIS A 228 -7.22 24.56 5.46
N PRO A 229 -6.20 24.85 4.64
CA PRO A 229 -5.21 23.84 4.43
C PRO A 229 -4.32 23.72 5.65
N ILE A 230 -3.48 22.70 5.65
CA ILE A 230 -2.48 22.52 6.68
C ILE A 230 -1.56 23.74 6.75
N GLN A 231 -1.31 24.25 7.96
CA GLN A 231 -0.33 25.32 8.18
C GLN A 231 1.05 24.76 8.52
N PRO A 232 2.14 25.48 8.16
CA PRO A 232 3.47 24.98 8.55
C PRO A 232 3.57 24.69 10.04
N GLU A 233 2.91 25.51 10.85
CA GLU A 233 2.90 25.32 12.31
C GLU A 233 2.27 23.97 12.75
N ASP A 234 1.30 23.48 11.97
CA ASP A 234 0.69 22.16 12.24
C ASP A 234 1.69 21.03 12.04
N ILE A 235 2.51 21.12 10.99
CA ILE A 235 3.56 20.15 10.73
C ILE A 235 4.64 20.23 11.80
N ALA A 236 4.99 21.45 12.22
CA ALA A 236 5.95 21.67 13.31
C ALA A 236 5.48 21.04 14.65
N GLU A 237 4.21 21.28 14.99
CA GLU A 237 3.57 20.65 16.13
C GLU A 237 3.59 19.13 16.04
N THR A 238 3.32 18.61 14.83
CA THR A 238 3.23 17.17 14.62
C THR A 238 4.59 16.52 14.83
N ILE A 239 5.63 17.12 14.24
CA ILE A 239 6.99 16.62 14.36
C ILE A 239 7.49 16.66 15.82
N PHE A 240 7.17 17.74 16.53
CA PHE A 240 7.54 17.84 17.95
C PHE A 240 6.94 16.68 18.76
N TRP A 241 5.66 16.39 18.51
CA TRP A 241 4.97 15.24 19.09
C TRP A 241 5.61 13.87 18.73
N ILE A 242 6.03 13.73 17.47
CA ILE A 242 6.70 12.51 17.05
C ILE A 242 8.04 12.39 17.78
N MSE A 243 8.82 13.47 17.76
CA MSE A 243 10.18 13.46 18.34
C MSE A 243 10.22 13.34 19.85
O MSE A 243 11.24 12.90 20.40
CB MSE A 243 11.00 14.65 17.85
CG MSE A 243 11.40 14.52 16.40
SE MSE A 243 12.79 15.76 15.92
CE MSE A 243 13.47 14.78 14.36
N ASN A 244 9.13 13.72 20.51
CA ASN A 244 9.00 13.61 21.97
C ASN A 244 8.32 12.33 22.46
N GLN A 245 8.01 11.42 21.53
CA GLN A 245 7.47 10.11 21.86
C GLN A 245 8.36 9.40 22.86
N PRO A 246 7.74 8.74 23.87
CA PRO A 246 8.51 7.92 24.81
C PRO A 246 9.47 7.00 24.07
N ALA A 247 10.66 6.82 24.62
CA ALA A 247 11.74 6.09 23.94
C ALA A 247 11.33 4.76 23.28
N HIS A 248 10.45 4.00 23.94
CA HIS A 248 10.06 2.66 23.45
C HIS A 248 9.16 2.62 22.22
N LEU A 249 8.63 3.79 21.81
CA LEU A 249 7.63 3.84 20.76
C LEU A 249 8.18 4.36 19.44
N ASN A 250 7.84 3.66 18.36
CA ASN A 250 8.15 4.17 17.03
C ASN A 250 6.93 4.36 16.13
N ILE A 251 6.66 5.63 15.84
CA ILE A 251 5.69 6.02 14.86
C ILE A 251 6.26 5.84 13.46
N ASN A 252 5.81 4.80 12.76
CA ASN A 252 6.31 4.46 11.43
C ASN A 252 5.91 5.48 10.41
N SER A 253 4.65 5.88 10.45
CA SER A 253 4.12 6.74 9.40
C SER A 253 2.88 7.42 9.90
N LEU A 254 2.65 8.60 9.38
CA LEU A 254 1.53 9.38 9.83
C LEU A 254 1.14 10.20 8.61
N GLU A 255 -0.04 9.89 8.08
CA GLU A 255 -0.53 10.66 6.97
C GLU A 255 -1.57 11.64 7.44
N ILE A 256 -1.41 12.91 7.05
CA ILE A 256 -2.26 14.00 7.51
C ILE A 256 -2.73 14.88 6.36
N MSE A 257 -4.04 15.02 6.24
CA MSE A 257 -4.64 15.93 5.27
C MSE A 257 -5.47 16.98 6.00
O MSE A 257 -5.96 16.72 7.09
CB MSE A 257 -5.53 15.18 4.30
CG MSE A 257 -4.80 14.33 3.27
SE MSE A 257 -6.12 13.42 2.19
CE MSE A 257 -4.93 12.30 1.16
N PRO A 258 -5.64 18.16 5.36
CA PRO A 258 -6.65 19.00 5.94
C PRO A 258 -7.96 18.23 5.82
N VAL A 259 -8.88 18.42 6.75
CA VAL A 259 -10.18 17.74 6.70
C VAL A 259 -10.92 18.00 5.38
N SER A 260 -10.65 19.13 4.73
CA SER A 260 -11.31 19.46 3.46
C SER A 260 -10.84 18.59 2.29
N GLN A 261 -9.75 17.85 2.50
CA GLN A 261 -9.12 17.06 1.45
C GLN A 261 -9.44 15.57 1.60
N SER A 262 -9.95 14.98 0.53
CA SER A 262 -10.21 13.55 0.44
C SER A 262 -9.80 13.04 -0.95
N TRP A 263 -10.29 11.85 -1.34
CA TRP A 263 -9.96 11.24 -2.63
C TRP A 263 -11.07 11.36 -3.66
N ALA A 264 -10.68 11.66 -4.91
CA ALA A 264 -11.64 11.89 -5.98
C ALA A 264 -12.01 10.59 -6.67
N GLY A 265 -11.17 9.58 -6.54
CA GLY A 265 -11.40 8.33 -7.25
C GLY A 265 -10.67 8.26 -8.58
N PHE A 266 -11.39 7.80 -9.60
CA PHE A 266 -10.82 7.47 -10.91
C PHE A 266 -11.23 8.46 -11.98
N ALA A 267 -10.38 8.62 -12.99
CA ALA A 267 -10.75 9.40 -14.16
C ALA A 267 -10.90 8.45 -15.33
N ILE A 268 -11.90 8.71 -16.16
CA ILE A 268 -12.15 7.93 -17.35
C ILE A 268 -12.06 8.86 -18.54
N HIS A 269 -11.14 8.55 -19.45
CA HIS A 269 -11.00 9.26 -20.72
C HIS A 269 -11.49 8.38 -21.87
N SER B 21 4.29 -1.15 -36.63
CA SER B 21 5.38 -2.17 -36.54
C SER B 21 5.63 -2.53 -35.08
N SER B 22 6.11 -3.75 -34.85
CA SER B 22 6.46 -4.20 -33.52
C SER B 22 7.94 -3.92 -33.24
N THR B 23 8.17 -2.75 -32.65
CA THR B 23 9.49 -2.26 -32.30
C THR B 23 9.59 -2.20 -30.77
N LEU B 24 10.73 -2.64 -30.24
CA LEU B 24 10.94 -2.70 -28.79
C LEU B 24 12.33 -2.14 -28.39
N PHE B 25 12.33 -1.28 -27.38
CA PHE B 25 13.53 -0.69 -26.77
C PHE B 25 13.76 -1.39 -25.41
N ILE B 26 14.95 -1.92 -25.20
CA ILE B 26 15.27 -2.63 -23.94
C ILE B 26 16.53 -2.04 -23.32
N THR B 27 16.41 -1.44 -22.14
CA THR B 27 17.58 -0.95 -21.41
C THR B 27 18.26 -2.10 -20.63
N GLY B 28 19.58 -2.10 -20.59
CA GLY B 28 20.33 -3.14 -19.91
C GLY B 28 20.09 -4.53 -20.46
N ALA B 29 20.28 -4.69 -21.76
CA ALA B 29 19.86 -5.92 -22.46
C ALA B 29 20.78 -7.10 -22.22
N THR B 30 21.87 -6.85 -21.48
CA THR B 30 22.82 -7.90 -21.12
C THR B 30 22.88 -8.04 -19.58
N SER B 31 22.01 -7.29 -18.89
CA SER B 31 21.88 -7.28 -17.43
C SER B 31 20.51 -7.77 -17.00
N GLY B 32 20.49 -8.60 -15.95
CA GLY B 32 19.27 -9.16 -15.38
C GLY B 32 18.41 -9.98 -16.33
N PHE B 33 17.18 -9.51 -16.48
CA PHE B 33 16.15 -10.12 -17.32
C PHE B 33 16.17 -9.64 -18.76
N GLY B 34 17.10 -8.73 -19.05
CA GLY B 34 17.24 -8.07 -20.34
C GLY B 34 17.54 -8.97 -21.52
N GLU B 35 18.49 -9.90 -21.37
CA GLU B 35 18.82 -10.79 -22.47
C GLU B 35 17.66 -11.74 -22.79
N ALA B 36 17.05 -12.28 -21.74
CA ALA B 36 15.90 -13.18 -21.89
C ALA B 36 14.75 -12.48 -22.63
N CYS B 37 14.56 -11.18 -22.37
CA CYS B 37 13.50 -10.44 -23.03
C CYS B 37 13.83 -10.22 -24.50
N ALA B 38 15.11 -9.97 -24.78
CA ALA B 38 15.55 -9.76 -26.15
C ALA B 38 15.33 -11.05 -26.94
N ARG B 39 15.72 -12.18 -26.37
CA ARG B 39 15.53 -13.49 -27.03
C ARG B 39 14.04 -13.77 -27.29
N ARG B 40 13.21 -13.61 -26.27
CA ARG B 40 11.78 -13.86 -26.40
C ARG B 40 11.13 -13.02 -27.51
N PHE B 41 11.37 -11.71 -27.50
CA PHE B 41 10.78 -10.83 -28.50
C PHE B 41 11.41 -11.01 -29.88
N ALA B 42 12.65 -11.53 -29.90
CA ALA B 42 13.35 -11.86 -31.14
C ALA B 42 12.66 -12.99 -31.87
N GLU B 43 12.26 -14.01 -31.12
CA GLU B 43 11.57 -15.14 -31.72
C GLU B 43 10.15 -14.76 -32.21
N ALA B 44 9.60 -13.69 -31.65
CA ALA B 44 8.30 -13.18 -32.09
C ALA B 44 8.45 -12.21 -33.28
N GLY B 45 9.69 -11.85 -33.58
CA GLY B 45 10.00 -11.03 -34.73
C GLY B 45 9.85 -9.53 -34.56
N TRP B 46 9.86 -9.02 -33.33
CA TRP B 46 9.90 -7.57 -33.10
C TRP B 46 11.30 -7.04 -33.41
N SER B 47 11.39 -5.84 -33.98
CA SER B 47 12.69 -5.15 -34.14
C SER B 47 13.14 -4.65 -32.77
N LEU B 48 14.41 -4.88 -32.47
CA LEU B 48 14.96 -4.59 -31.15
C LEU B 48 15.94 -3.42 -31.20
N VAL B 49 15.83 -2.52 -30.23
CA VAL B 49 16.93 -1.63 -29.83
C VAL B 49 17.37 -2.10 -28.43
N LEU B 50 18.65 -2.42 -28.31
CA LEU B 50 19.23 -3.00 -27.09
C LEU B 50 20.37 -2.13 -26.55
N THR B 51 20.26 -1.70 -25.30
CA THR B 51 21.36 -0.96 -24.67
C THR B 51 22.17 -1.80 -23.71
N GLY B 52 23.45 -1.48 -23.64
CA GLY B 52 24.36 -2.16 -22.76
C GLY B 52 25.62 -1.34 -22.67
N ARG B 53 26.22 -1.35 -21.49
CA ARG B 53 27.51 -0.69 -21.29
C ARG B 53 28.65 -1.48 -21.89
N ARG B 54 28.54 -2.81 -21.88
CA ARG B 54 29.63 -3.64 -22.41
C ARG B 54 29.42 -3.95 -23.90
N GLU B 55 30.21 -3.28 -24.73
CA GLU B 55 30.02 -3.29 -26.18
C GLU B 55 30.09 -4.67 -26.81
N GLU B 56 31.12 -5.45 -26.43
CA GLU B 56 31.35 -6.77 -27.00
C GLU B 56 30.25 -7.75 -26.69
N ARG B 57 29.86 -7.81 -25.41
CA ARG B 57 28.75 -8.64 -24.97
C ARG B 57 27.43 -8.24 -25.66
N LEU B 58 27.22 -6.94 -25.80
CA LEU B 58 26.01 -6.41 -26.42
C LEU B 58 25.93 -6.75 -27.92
N GLN B 59 27.04 -6.56 -28.62
CA GLN B 59 27.10 -6.83 -30.06
C GLN B 59 27.07 -8.32 -30.43
N ALA B 60 27.51 -9.16 -29.49
CA ALA B 60 27.45 -10.61 -29.68
C ALA B 60 26.01 -11.07 -29.63
N LEU B 61 25.28 -10.58 -28.61
CA LEU B 61 23.86 -10.85 -28.47
C LEU B 61 23.10 -10.30 -29.68
N ALA B 62 23.43 -9.07 -30.06
CA ALA B 62 22.87 -8.43 -31.26
C ALA B 62 23.16 -9.23 -32.54
N GLY B 63 24.41 -9.66 -32.70
CA GLY B 63 24.79 -10.47 -33.84
C GLY B 63 23.96 -11.73 -33.94
N GLU B 64 23.92 -12.48 -32.84
CA GLU B 64 23.17 -13.74 -32.76
C GLU B 64 21.66 -13.61 -33.05
N LEU B 65 21.02 -12.62 -32.47
CA LEU B 65 19.59 -12.43 -32.64
C LEU B 65 19.26 -11.79 -33.99
N SER B 66 20.29 -11.33 -34.68
CA SER B 66 20.18 -10.72 -36.00
C SER B 66 19.67 -11.69 -37.06
N ALA B 67 19.86 -12.99 -36.81
CA ALA B 67 19.38 -14.05 -37.72
C ALA B 67 17.85 -14.23 -37.67
N LYS B 68 17.27 -13.84 -36.54
CA LYS B 68 15.85 -14.02 -36.27
C LYS B 68 15.06 -12.75 -36.54
N THR B 69 15.69 -11.59 -36.30
CA THR B 69 15.02 -10.28 -36.32
C THR B 69 16.02 -9.11 -36.52
N ARG B 70 15.48 -7.91 -36.78
CA ARG B 70 16.31 -6.70 -36.86
C ARG B 70 16.69 -6.21 -35.46
N VAL B 71 17.98 -5.93 -35.28
CA VAL B 71 18.53 -5.56 -33.99
C VAL B 71 19.46 -4.34 -34.13
N LEU B 72 19.21 -3.33 -33.30
CA LEU B 72 20.10 -2.17 -33.21
C LEU B 72 20.73 -2.08 -31.81
N PRO B 73 22.01 -2.49 -31.69
CA PRO B 73 22.66 -2.39 -30.40
C PRO B 73 23.26 -1.00 -30.19
N LEU B 74 22.97 -0.42 -29.02
CA LEU B 74 23.49 0.88 -28.66
C LEU B 74 24.28 0.74 -27.37
N THR B 75 25.57 1.07 -27.44
CA THR B 75 26.43 0.97 -26.29
C THR B 75 26.42 2.29 -25.51
N LEU B 76 25.75 2.25 -24.37
CA LEU B 76 25.56 3.42 -23.53
C LEU B 76 25.21 3.05 -22.10
N ASP B 77 25.50 3.98 -21.20
CA ASP B 77 25.14 3.92 -19.79
C ASP B 77 23.86 4.75 -19.62
N VAL B 78 22.80 4.13 -19.07
CA VAL B 78 21.50 4.82 -18.85
C VAL B 78 21.55 6.07 -17.94
N ARG B 79 22.56 6.13 -17.06
CA ARG B 79 22.83 7.29 -16.22
C ARG B 79 23.28 8.49 -17.04
N ASP B 80 23.78 8.24 -18.25
CA ASP B 80 24.36 9.29 -19.05
C ASP B 80 23.25 9.90 -19.88
N ARG B 81 22.68 10.98 -19.35
CA ARG B 81 21.58 11.72 -19.99
C ARG B 81 21.92 12.21 -21.39
N ALA B 82 23.13 12.74 -21.55
CA ALA B 82 23.60 13.31 -22.81
C ALA B 82 23.77 12.24 -23.88
N ALA B 83 24.38 11.11 -23.51
CA ALA B 83 24.55 9.96 -24.40
C ALA B 83 23.19 9.41 -24.84
N MSE B 84 22.33 9.21 -23.85
CA MSE B 84 20.96 8.73 -24.02
C MSE B 84 20.13 9.63 -24.95
O MSE B 84 19.47 9.16 -25.85
CB MSE B 84 20.32 8.65 -22.62
CG MSE B 84 18.93 8.07 -22.52
SE MSE B 84 18.87 6.22 -21.84
CE MSE B 84 18.97 5.33 -23.59
N SER B 85 20.23 10.94 -24.73
CA SER B 85 19.53 11.93 -25.55
C SER B 85 20.01 11.93 -27.02
N ALA B 86 21.32 11.79 -27.19
CA ALA B 86 21.93 11.75 -28.52
C ALA B 86 21.58 10.47 -29.30
N ALA B 87 21.61 9.33 -28.61
CA ALA B 87 21.25 8.03 -29.19
C ALA B 87 19.78 7.99 -29.64
N VAL B 88 18.87 8.53 -28.83
CA VAL B 88 17.46 8.56 -29.17
C VAL B 88 17.18 9.49 -30.35
N ASP B 89 17.85 10.65 -30.36
CA ASP B 89 17.78 11.58 -31.47
C ASP B 89 18.33 10.95 -32.75
N ASN B 90 19.24 10.01 -32.61
CA ASN B 90 19.84 9.36 -33.77
C ASN B 90 19.17 8.04 -34.16
N LEU B 91 18.01 7.73 -33.57
CA LEU B 91 17.33 6.47 -33.92
C LEU B 91 16.91 6.54 -35.38
N PRO B 92 17.08 5.42 -36.12
CA PRO B 92 16.62 5.30 -37.51
C PRO B 92 15.11 5.45 -37.59
N GLU B 93 14.63 5.86 -38.76
CA GLU B 93 13.21 6.00 -39.03
C GLU B 93 12.32 4.80 -38.65
N GLU B 94 12.89 3.60 -38.61
CA GLU B 94 12.13 2.42 -38.23
C GLU B 94 11.50 2.64 -36.85
N PHE B 95 12.17 3.47 -36.06
CA PHE B 95 11.78 3.73 -34.69
C PHE B 95 11.13 5.11 -34.51
N ALA B 96 10.57 5.65 -35.58
CA ALA B 96 9.80 6.89 -35.47
C ALA B 96 8.60 6.64 -34.57
N THR B 97 8.15 5.38 -34.52
CA THR B 97 7.13 4.93 -33.54
C THR B 97 7.67 3.76 -32.73
N LEU B 98 7.35 3.73 -31.44
CA LEU B 98 7.82 2.67 -30.57
C LEU B 98 6.67 1.86 -29.98
N ARG B 99 6.63 0.56 -30.27
CA ARG B 99 5.58 -0.25 -29.67
C ARG B 99 5.83 -0.50 -28.19
N GLY B 100 7.08 -0.83 -27.84
CA GLY B 100 7.38 -1.33 -26.50
C GLY B 100 8.63 -0.71 -25.90
N LEU B 101 8.59 -0.48 -24.58
CA LEU B 101 9.76 -0.09 -23.81
C LEU B 101 9.85 -0.91 -22.53
N ILE B 102 10.97 -1.63 -22.38
CA ILE B 102 11.27 -2.35 -21.15
C ILE B 102 12.37 -1.59 -20.40
N ASN B 103 11.99 -0.98 -19.28
CA ASN B 103 12.97 -0.35 -18.40
C ASN B 103 13.52 -1.37 -17.43
N ASN B 104 14.63 -1.97 -17.85
CA ASN B 104 15.21 -3.13 -17.18
C ASN B 104 16.57 -2.90 -16.53
N ALA B 105 17.32 -1.90 -17.01
CA ALA B 105 18.60 -1.54 -16.38
C ALA B 105 18.35 -1.09 -14.93
N GLY B 106 19.20 -1.58 -14.02
CA GLY B 106 19.08 -1.36 -12.59
C GLY B 106 19.94 -2.40 -11.91
N LEU B 107 20.33 -2.13 -10.65
CA LEU B 107 21.18 -3.03 -9.86
C LEU B 107 21.03 -2.76 -8.36
N ALA B 108 21.46 -3.75 -7.56
CA ALA B 108 21.63 -3.59 -6.11
C ALA B 108 23.10 -3.69 -5.76
N LEU B 109 23.51 -3.01 -4.69
CA LEU B 109 24.93 -3.02 -4.29
C LEU B 109 25.21 -3.44 -2.82
N GLY B 110 24.42 -4.40 -2.34
CA GLY B 110 24.62 -4.96 -1.00
C GLY B 110 23.34 -4.98 -0.16
N THR B 111 23.40 -5.72 0.95
CA THR B 111 22.46 -5.57 2.07
C THR B 111 23.19 -5.23 3.40
N ASP B 112 24.33 -4.53 3.27
CA ASP B 112 25.09 -3.89 4.38
C ASP B 112 24.18 -2.84 5.09
N PRO B 113 24.18 -2.79 6.45
CA PRO B 113 23.23 -1.85 7.11
C PRO B 113 23.42 -0.40 6.65
N ALA B 114 22.34 0.36 6.61
CA ALA B 114 22.36 1.73 6.08
C ALA B 114 23.45 2.62 6.68
N GLN B 115 23.57 2.61 8.00
CA GLN B 115 24.53 3.46 8.74
C GLN B 115 25.97 3.26 8.33
N SER B 116 26.26 2.19 7.59
CA SER B 116 27.65 1.86 7.27
C SER B 116 27.88 1.70 5.76
N CYS B 117 26.88 2.08 4.98
CA CYS B 117 26.97 2.03 3.53
C CYS B 117 27.86 3.11 2.91
N ASP B 118 28.34 2.80 1.70
CA ASP B 118 29.16 3.68 0.86
C ASP B 118 28.18 4.54 0.01
N LEU B 119 28.29 5.87 0.13
CA LEU B 119 27.40 6.75 -0.63
C LEU B 119 27.62 6.67 -2.15
N ASP B 120 28.80 6.19 -2.57
CA ASP B 120 29.05 5.84 -3.97
C ASP B 120 28.06 4.79 -4.47
N ASP B 121 27.92 3.70 -3.72
CA ASP B 121 26.93 2.67 -4.03
C ASP B 121 25.50 3.22 -4.17
N TRP B 122 25.10 4.06 -3.20
CA TRP B 122 23.78 4.66 -3.14
C TRP B 122 23.55 5.61 -4.31
N ASP B 123 24.58 6.38 -4.66
CA ASP B 123 24.58 7.25 -5.83
C ASP B 123 24.37 6.45 -7.11
N THR B 124 25.15 5.38 -7.25
CA THR B 124 25.05 4.52 -8.42
C THR B 124 23.64 3.96 -8.55
N MSE B 125 23.05 3.53 -7.43
CA MSE B 125 21.71 2.93 -7.50
C MSE B 125 20.62 3.92 -7.89
O MSE B 125 19.77 3.58 -8.69
CB MSE B 125 21.34 2.22 -6.20
CG MSE B 125 21.95 0.83 -6.07
SE MSE B 125 21.38 -0.12 -4.48
CE MSE B 125 22.39 0.90 -3.15
N VAL B 126 20.63 5.14 -7.36
CA VAL B 126 19.55 6.03 -7.76
C VAL B 126 19.73 6.60 -9.17
N ASP B 127 20.99 6.79 -9.57
CA ASP B 127 21.28 7.25 -10.93
C ASP B 127 20.82 6.24 -11.96
N THR B 128 21.09 4.97 -11.68
CA THR B 128 20.69 3.87 -12.57
C THR B 128 19.21 3.56 -12.42
N ASN B 129 18.82 3.11 -11.22
CA ASN B 129 17.48 2.56 -10.99
C ASN B 129 16.40 3.61 -11.17
N ILE B 130 16.77 4.88 -10.92
CA ILE B 130 15.79 5.97 -11.02
C ILE B 130 16.02 6.84 -12.27
N LYS B 131 17.09 7.64 -12.28
CA LYS B 131 17.32 8.58 -13.38
C LYS B 131 17.43 7.88 -14.73
N GLY B 132 18.20 6.79 -14.78
CA GLY B 132 18.22 5.95 -15.99
C GLY B 132 16.85 5.65 -16.59
N LEU B 133 15.93 5.25 -15.73
CA LEU B 133 14.57 4.87 -16.15
C LEU B 133 13.77 6.13 -16.55
N LEU B 134 14.00 7.22 -15.81
CA LEU B 134 13.45 8.53 -16.13
C LEU B 134 13.89 9.05 -17.51
N TYR B 135 15.18 8.96 -17.80
CA TYR B 135 15.69 9.44 -19.08
C TYR B 135 15.13 8.61 -20.23
N SER B 136 15.24 7.30 -20.06
CA SER B 136 14.62 6.30 -20.92
C SER B 136 13.18 6.62 -21.27
N THR B 137 12.34 6.68 -20.24
CA THR B 137 10.93 6.93 -20.39
C THR B 137 10.63 8.27 -21.08
N ARG B 138 11.22 9.35 -20.57
CA ARG B 138 10.96 10.70 -21.09
C ARG B 138 11.38 10.88 -22.56
N LEU B 139 12.60 10.44 -22.89
CA LEU B 139 13.14 10.62 -24.24
C LEU B 139 12.40 9.81 -25.30
N LEU B 140 11.88 8.64 -24.90
CA LEU B 140 11.19 7.71 -25.80
C LEU B 140 9.67 7.91 -25.86
N LEU B 141 9.14 8.59 -24.86
CA LEU B 141 7.70 8.77 -24.72
C LEU B 141 7.03 9.36 -25.98
N PRO B 142 7.63 10.39 -26.62
CA PRO B 142 7.00 10.87 -27.85
C PRO B 142 6.90 9.82 -28.97
N ARG B 143 7.80 8.83 -28.97
CA ARG B 143 7.77 7.76 -29.97
C ARG B 143 6.72 6.68 -29.63
N LEU B 144 6.57 6.41 -28.33
CA LEU B 144 5.53 5.53 -27.83
C LEU B 144 4.14 6.11 -28.10
N ILE B 145 4.03 7.43 -27.91
CA ILE B 145 2.78 8.15 -28.14
C ILE B 145 2.45 8.14 -29.63
N ALA B 146 3.49 8.30 -30.47
CA ALA B 146 3.32 8.28 -31.93
C ALA B 146 2.83 6.94 -32.42
N HIS B 147 3.18 5.86 -31.70
CA HIS B 147 2.64 4.54 -31.99
C HIS B 147 1.17 4.48 -31.61
N GLY B 148 0.84 4.99 -30.41
CA GLY B 148 -0.55 5.07 -29.96
C GLY B 148 -1.12 3.78 -29.43
N ALA B 149 -2.25 3.37 -30.00
CA ALA B 149 -3.00 2.22 -29.49
C ALA B 149 -2.09 0.97 -29.46
N GLY B 150 -2.11 0.29 -28.33
CA GLY B 150 -1.32 -0.92 -28.17
C GLY B 150 0.09 -0.72 -27.67
N ALA B 151 0.59 0.52 -27.62
CA ALA B 151 1.95 0.74 -27.10
C ALA B 151 2.07 0.35 -25.61
N SER B 152 3.25 -0.07 -25.20
CA SER B 152 3.45 -0.55 -23.82
C SER B 152 4.78 -0.16 -23.21
N ILE B 153 4.72 0.32 -21.97
CA ILE B 153 5.90 0.51 -21.17
C ILE B 153 5.84 -0.49 -20.03
N VAL B 154 6.90 -1.27 -19.84
CA VAL B 154 6.98 -2.18 -18.70
C VAL B 154 8.20 -1.78 -17.88
N ASN B 155 7.96 -1.42 -16.62
CA ASN B 155 9.03 -1.02 -15.74
C ASN B 155 9.34 -2.23 -14.87
N LEU B 156 10.62 -2.47 -14.62
CA LEU B 156 10.98 -3.50 -13.66
C LEU B 156 11.07 -2.92 -12.26
N GLY B 157 10.02 -3.23 -11.49
CA GLY B 157 9.98 -2.91 -10.09
C GLY B 157 10.53 -4.11 -9.36
N SER B 158 10.04 -4.32 -8.14
CA SER B 158 10.48 -5.44 -7.34
C SER B 158 9.55 -5.57 -6.15
N VAL B 159 9.56 -6.74 -5.51
CA VAL B 159 8.88 -6.94 -4.24
C VAL B 159 9.46 -5.97 -3.20
N ALA B 160 10.69 -5.52 -3.46
CA ALA B 160 11.45 -4.65 -2.56
C ALA B 160 10.85 -3.25 -2.50
N GLY B 161 10.18 -2.84 -3.57
CA GLY B 161 9.46 -1.58 -3.58
C GLY B 161 8.33 -1.47 -2.56
N LYS B 162 7.93 -2.59 -1.96
CA LYS B 162 6.68 -2.67 -1.19
C LYS B 162 6.92 -3.22 0.22
N TRP B 163 7.75 -4.27 0.30
CA TRP B 163 7.99 -5.02 1.54
C TRP B 163 9.37 -4.75 2.11
N PRO B 164 9.41 -4.17 3.32
CA PRO B 164 10.65 -3.78 3.91
C PRO B 164 11.43 -4.99 4.45
N TYR B 165 12.75 -4.87 4.51
CA TYR B 165 13.59 -5.89 5.13
C TYR B 165 15.01 -5.38 5.37
N PRO B 166 15.76 -6.03 6.30
CA PRO B 166 17.16 -5.65 6.57
C PRO B 166 18.02 -5.48 5.30
N GLY B 167 18.70 -4.34 5.22
CA GLY B 167 19.61 -4.03 4.12
C GLY B 167 18.96 -3.62 2.81
N SER B 168 17.62 -3.53 2.77
CA SER B 168 16.90 -3.10 1.56
C SER B 168 17.07 -1.62 1.27
N HIS B 169 17.12 -0.80 2.32
CA HIS B 169 17.25 0.65 2.26
C HIS B 169 17.05 1.29 0.87
N VAL B 170 18.14 1.51 0.14
CA VAL B 170 18.11 2.31 -1.10
C VAL B 170 17.51 1.53 -2.28
N TYR B 171 17.88 0.27 -2.42
CA TYR B 171 17.34 -0.52 -3.53
C TYR B 171 15.80 -0.57 -3.52
N GLY B 172 15.24 -0.93 -2.36
CA GLY B 172 13.79 -0.92 -2.17
C GLY B 172 13.20 0.44 -2.38
N GLY B 173 13.86 1.46 -1.81
CA GLY B 173 13.51 2.84 -2.10
C GLY B 173 13.38 3.09 -3.58
N THR B 174 14.41 2.73 -4.36
CA THR B 174 14.38 2.97 -5.82
C THR B 174 13.22 2.24 -6.50
N LYS B 175 12.91 1.05 -5.99
CA LYS B 175 11.84 0.24 -6.57
C LYS B 175 10.46 0.75 -6.18
N ALA B 176 10.37 1.41 -5.04
CA ALA B 176 9.15 2.09 -4.63
C ALA B 176 8.91 3.30 -5.51
N PHE B 177 9.99 4.00 -5.87
CA PHE B 177 9.92 5.11 -6.82
C PHE B 177 9.30 4.61 -8.11
N VAL B 178 9.85 3.51 -8.62
CA VAL B 178 9.44 2.94 -9.90
C VAL B 178 7.94 2.62 -9.89
N GLU B 179 7.48 1.99 -8.82
CA GLU B 179 6.05 1.70 -8.65
C GLU B 179 5.17 2.95 -8.78
N GLN B 180 5.45 3.97 -7.98
CA GLN B 180 4.61 5.15 -7.94
C GLN B 180 4.71 5.92 -9.26
N PHE B 181 5.91 6.03 -9.78
CA PHE B 181 6.11 6.65 -11.08
C PHE B 181 5.26 5.99 -12.17
N SER B 182 5.23 4.65 -12.17
CA SER B 182 4.38 3.89 -13.13
C SER B 182 2.90 4.30 -13.12
N LEU B 183 2.29 4.21 -11.94
CA LEU B 183 0.90 4.59 -11.73
C LEU B 183 0.66 6.04 -12.13
N ASN B 184 1.52 6.93 -11.65
CA ASN B 184 1.52 8.36 -11.97
C ASN B 184 1.56 8.66 -13.45
N LEU B 185 2.42 7.95 -14.16
CA LEU B 185 2.61 8.13 -15.59
C LEU B 185 1.30 7.92 -16.36
N ARG B 186 0.57 6.87 -16.01
CA ARG B 186 -0.78 6.59 -16.51
C ARG B 186 -1.73 7.80 -16.48
N CYS B 187 -1.61 8.63 -15.44
CA CYS B 187 -2.47 9.82 -15.29
C CYS B 187 -2.16 10.96 -16.27
N ASP B 188 -1.03 10.86 -16.97
CA ASP B 188 -0.60 11.89 -17.90
C ASP B 188 -0.85 11.47 -19.33
N LEU B 189 -1.05 10.16 -19.50
CA LEU B 189 -1.12 9.51 -20.82
C LEU B 189 -2.52 9.27 -21.38
N GLN B 190 -3.51 9.98 -20.87
CA GLN B 190 -4.88 9.84 -21.38
C GLN B 190 -5.00 10.20 -22.85
N GLY B 191 -5.80 9.42 -23.56
CA GLY B 191 -6.04 9.65 -24.98
C GLY B 191 -4.93 9.20 -25.90
N THR B 192 -3.85 8.65 -25.33
CA THR B 192 -2.66 8.29 -26.10
C THR B 192 -2.61 6.81 -26.49
N GLY B 193 -3.36 5.96 -25.78
CA GLY B 193 -3.33 4.51 -26.04
C GLY B 193 -2.18 3.77 -25.35
N VAL B 194 -1.23 4.53 -24.81
CA VAL B 194 -0.05 3.97 -24.19
C VAL B 194 -0.33 3.36 -22.82
N ARG B 195 0.10 2.12 -22.65
CA ARG B 195 0.02 1.39 -21.40
C ARG B 195 1.31 1.48 -20.61
N VAL B 196 1.18 1.39 -19.28
CA VAL B 196 2.33 1.35 -18.38
C VAL B 196 2.07 0.27 -17.34
N THR B 197 3.09 -0.58 -17.14
CA THR B 197 3.00 -1.68 -16.19
C THR B 197 4.24 -1.73 -15.30
N ASN B 198 4.00 -1.90 -14.00
CA ASN B 198 5.07 -2.16 -13.04
C ASN B 198 5.05 -3.64 -12.75
N LEU B 199 6.12 -4.33 -13.16
CA LEU B 199 6.29 -5.74 -12.88
C LEU B 199 7.17 -5.87 -11.66
N GLU B 200 6.77 -6.68 -10.68
CA GLU B 200 7.48 -6.73 -9.39
C GLU B 200 7.91 -8.16 -9.06
N PRO B 201 9.07 -8.58 -9.60
CA PRO B 201 9.56 -9.92 -9.31
C PRO B 201 10.13 -10.06 -7.91
N GLY B 202 10.05 -11.26 -7.36
CA GLY B 202 10.70 -11.59 -6.09
C GLY B 202 12.02 -12.32 -6.32
N LEU B 203 12.23 -13.39 -5.55
CA LEU B 203 13.46 -14.16 -5.62
C LEU B 203 13.68 -14.82 -6.99
N CYS B 204 14.83 -14.49 -7.60
CA CYS B 204 15.22 -14.99 -8.91
CA CYS B 204 15.20 -15.03 -8.90
C CYS B 204 16.55 -15.75 -8.88
N GLU B 205 16.85 -16.45 -9.97
CA GLU B 205 18.11 -17.14 -10.16
C GLU B 205 19.22 -16.10 -10.37
N GLY B 226 15.00 -27.23 -4.89
CA GLY B 226 14.79 -26.56 -3.61
C GLY B 226 13.80 -25.41 -3.75
N ALA B 227 14.35 -24.20 -3.92
CA ALA B 227 13.53 -22.99 -3.93
C ALA B 227 12.82 -22.76 -5.25
N HIS B 228 13.35 -23.34 -6.34
CA HIS B 228 12.83 -23.15 -7.70
C HIS B 228 12.50 -21.67 -7.98
N PRO B 229 13.54 -20.80 -7.98
CA PRO B 229 13.28 -19.38 -8.09
C PRO B 229 12.83 -18.92 -9.48
N ILE B 230 12.34 -17.69 -9.57
CA ILE B 230 11.99 -17.10 -10.86
C ILE B 230 13.20 -17.21 -11.80
N GLN B 231 12.98 -17.72 -13.01
CA GLN B 231 14.00 -17.75 -14.06
C GLN B 231 13.85 -16.52 -14.96
N PRO B 232 14.96 -16.02 -15.55
CA PRO B 232 14.85 -14.88 -16.48
C PRO B 232 13.84 -15.14 -17.58
N GLU B 233 13.71 -16.39 -18.00
CA GLU B 233 12.79 -16.75 -19.06
C GLU B 233 11.35 -16.56 -18.62
N ASP B 234 11.07 -16.78 -17.33
CA ASP B 234 9.74 -16.55 -16.76
C ASP B 234 9.36 -15.08 -16.86
N ILE B 235 10.29 -14.19 -16.57
CA ILE B 235 10.05 -12.74 -16.73
C ILE B 235 9.84 -12.35 -18.20
N ALA B 236 10.71 -12.81 -19.10
CA ALA B 236 10.51 -12.58 -20.55
C ALA B 236 9.09 -12.96 -20.99
N GLU B 237 8.67 -14.17 -20.59
CA GLU B 237 7.34 -14.66 -20.91
C GLU B 237 6.24 -13.78 -20.34
N THR B 238 6.44 -13.28 -19.12
CA THR B 238 5.39 -12.46 -18.51
C THR B 238 5.29 -11.06 -19.09
N ILE B 239 6.44 -10.49 -19.48
CA ILE B 239 6.52 -9.22 -20.22
C ILE B 239 5.96 -9.33 -21.65
N PHE B 240 6.26 -10.44 -22.32
CA PHE B 240 5.62 -10.74 -23.59
C PHE B 240 4.07 -10.75 -23.52
N TRP B 241 3.54 -11.44 -22.54
CA TRP B 241 2.10 -11.48 -22.31
C TRP B 241 1.57 -10.08 -22.00
N ILE B 242 2.31 -9.31 -21.19
CA ILE B 242 1.86 -7.95 -20.83
C ILE B 242 1.81 -7.07 -22.08
N MSE B 243 2.89 -7.06 -22.86
CA MSE B 243 2.93 -6.20 -24.05
C MSE B 243 1.98 -6.57 -25.17
O MSE B 243 1.69 -5.74 -26.05
CB MSE B 243 4.37 -6.09 -24.57
CG MSE B 243 5.25 -5.35 -23.60
SE MSE B 243 6.95 -4.90 -24.36
CE MSE B 243 7.26 -3.26 -23.34
N ASN B 244 1.47 -7.80 -25.14
CA ASN B 244 0.51 -8.28 -26.12
C ASN B 244 -0.94 -8.25 -25.65
N GLN B 245 -1.19 -7.67 -24.48
CA GLN B 245 -2.55 -7.46 -23.97
C GLN B 245 -3.36 -6.68 -25.00
N PRO B 246 -4.63 -7.04 -25.20
CA PRO B 246 -5.50 -6.25 -26.06
C PRO B 246 -5.38 -4.77 -25.71
N ALA B 247 -5.41 -3.92 -26.73
CA ALA B 247 -5.10 -2.49 -26.62
C ALA B 247 -5.90 -1.73 -25.56
N HIS B 248 -7.15 -2.17 -25.32
CA HIS B 248 -8.00 -1.52 -24.30
C HIS B 248 -7.63 -1.83 -22.85
N LEU B 249 -6.66 -2.72 -22.65
CA LEU B 249 -6.34 -3.18 -21.31
C LEU B 249 -5.01 -2.65 -20.83
N ASN B 250 -5.03 -2.22 -19.57
CA ASN B 250 -3.80 -1.86 -18.86
C ASN B 250 -3.60 -2.65 -17.57
N ILE B 251 -2.58 -3.51 -17.55
CA ILE B 251 -2.09 -4.11 -16.32
C ILE B 251 -1.21 -3.05 -15.62
N ASN B 252 -1.74 -2.44 -14.56
CA ASN B 252 -1.03 -1.47 -13.71
C ASN B 252 0.18 -2.07 -13.01
N SER B 253 -0.03 -3.22 -12.39
CA SER B 253 1.01 -3.87 -11.59
C SER B 253 0.76 -5.36 -11.49
N LEU B 254 1.86 -6.11 -11.39
CA LEU B 254 1.78 -7.53 -11.34
C LEU B 254 2.97 -7.96 -10.47
N GLU B 255 2.66 -8.55 -9.32
CA GLU B 255 3.69 -8.99 -8.40
C GLU B 255 3.78 -10.48 -8.43
N ILE B 256 4.99 -10.95 -8.70
CA ILE B 256 5.24 -12.37 -8.92
C ILE B 256 6.38 -12.83 -8.02
N MSE B 257 6.17 -13.95 -7.34
CA MSE B 257 7.19 -14.53 -6.49
C MSE B 257 7.26 -15.99 -6.86
O MSE B 257 6.28 -16.51 -7.37
CB MSE B 257 6.81 -14.43 -5.02
CG MSE B 257 6.90 -13.04 -4.38
SE MSE B 257 6.54 -13.17 -2.43
CE MSE B 257 6.98 -11.34 -1.96
N PRO B 258 8.40 -16.65 -6.61
CA PRO B 258 8.33 -18.10 -6.69
C PRO B 258 7.41 -18.56 -5.57
N VAL B 259 6.71 -19.67 -5.75
CA VAL B 259 5.77 -20.18 -4.75
C VAL B 259 6.46 -20.55 -3.41
N SER B 260 7.77 -20.79 -3.48
CA SER B 260 8.57 -21.06 -2.27
C SER B 260 8.73 -19.83 -1.38
N GLN B 261 8.41 -18.65 -1.93
CA GLN B 261 8.63 -17.41 -1.23
C GLN B 261 7.34 -16.77 -0.74
N SER B 262 7.30 -16.47 0.56
CA SER B 262 6.19 -15.73 1.17
C SER B 262 6.74 -14.64 2.11
N TRP B 263 6.00 -14.27 3.16
CA TRP B 263 6.43 -13.20 4.07
C TRP B 263 6.70 -13.70 5.47
N ALA B 264 7.82 -13.27 6.06
CA ALA B 264 8.25 -13.76 7.38
C ALA B 264 7.59 -13.02 8.54
N GLY B 265 6.92 -11.91 8.27
CA GLY B 265 6.34 -11.11 9.35
C GLY B 265 7.31 -10.14 9.99
N PHE B 266 7.27 -10.05 11.32
CA PHE B 266 8.03 -9.02 12.04
C PHE B 266 9.28 -9.57 12.71
N ALA B 267 10.26 -8.70 12.96
CA ALA B 267 11.39 -9.05 13.83
C ALA B 267 11.37 -8.18 15.07
N ILE B 268 11.59 -8.82 16.22
CA ILE B 268 11.62 -8.11 17.49
C ILE B 268 13.02 -8.20 18.10
N HIS B 269 13.63 -7.03 18.36
CA HIS B 269 14.93 -6.98 19.02
C HIS B 269 14.83 -6.85 20.54
N ARG B 270 15.39 -7.84 21.25
CA ARG B 270 15.44 -7.82 22.71
C ARG B 270 16.85 -7.54 23.22
N SER C 21 -21.55 18.16 23.96
CA SER C 21 -20.31 18.75 24.56
C SER C 21 -19.08 17.96 24.13
N SER C 22 -18.20 17.64 25.07
CA SER C 22 -17.16 16.62 24.83
C SER C 22 -17.69 15.27 25.28
N THR C 23 -18.32 14.59 24.32
CA THR C 23 -18.95 13.30 24.54
C THR C 23 -18.20 12.25 23.72
N LEU C 24 -18.00 11.08 24.31
CA LEU C 24 -17.25 10.00 23.69
C LEU C 24 -17.94 8.66 23.86
N PHE C 25 -18.04 7.92 22.76
CA PHE C 25 -18.59 6.56 22.71
C PHE C 25 -17.43 5.57 22.48
N ILE C 26 -17.22 4.63 23.41
CA ILE C 26 -16.14 3.65 23.28
C ILE C 26 -16.68 2.24 23.25
N THR C 27 -16.46 1.53 22.14
CA THR C 27 -16.81 0.09 22.09
C THR C 27 -15.74 -0.81 22.73
N GLY C 28 -16.19 -1.87 23.40
CA GLY C 28 -15.29 -2.82 24.04
C GLY C 28 -14.41 -2.14 25.07
N ALA C 29 -15.06 -1.48 26.02
CA ALA C 29 -14.41 -0.57 26.97
C ALA C 29 -13.72 -1.31 28.13
N THR C 30 -13.85 -2.64 28.17
CA THR C 30 -13.02 -3.48 29.03
C THR C 30 -12.08 -4.39 28.17
N SER C 31 -12.22 -4.31 26.83
CA SER C 31 -11.37 -5.03 25.84
C SER C 31 -10.20 -4.20 25.32
N GLY C 32 -9.04 -4.84 25.13
CA GLY C 32 -7.84 -4.18 24.62
C GLY C 32 -7.49 -2.85 25.29
N PHE C 33 -7.61 -1.80 24.49
CA PHE C 33 -7.17 -0.46 24.84
C PHE C 33 -8.33 0.41 25.31
N GLY C 34 -9.53 -0.20 25.38
CA GLY C 34 -10.77 0.49 25.69
C GLY C 34 -10.81 1.09 27.08
N GLU C 35 -10.36 0.33 28.07
CA GLU C 35 -10.29 0.81 29.45
C GLU C 35 -9.34 2.00 29.58
N ALA C 36 -8.13 1.85 29.03
CA ALA C 36 -7.12 2.92 29.06
C ALA C 36 -7.69 4.17 28.41
N CYS C 37 -8.38 4.00 27.29
CA CYS C 37 -9.04 5.13 26.64
C CYS C 37 -10.08 5.77 27.56
N ALA C 38 -10.92 4.93 28.17
CA ALA C 38 -11.94 5.40 29.11
C ALA C 38 -11.32 6.22 30.25
N ARG C 39 -10.22 5.71 30.81
CA ARG C 39 -9.53 6.39 31.90
C ARG C 39 -8.94 7.74 31.46
N ARG C 40 -8.24 7.74 30.31
CA ARG C 40 -7.63 8.95 29.79
C ARG C 40 -8.66 10.06 29.55
N PHE C 41 -9.77 9.74 28.90
CA PHE C 41 -10.77 10.77 28.57
C PHE C 41 -11.61 11.19 29.80
N ALA C 42 -11.68 10.32 30.79
CA ALA C 42 -12.32 10.61 32.07
C ALA C 42 -11.49 11.65 32.83
N GLU C 43 -10.17 11.45 32.84
CA GLU C 43 -9.23 12.43 33.37
C GLU C 43 -9.48 13.82 32.76
N ALA C 44 -9.80 13.87 31.47
CA ALA C 44 -10.11 15.12 30.77
C ALA C 44 -11.56 15.59 30.89
N GLY C 45 -12.39 14.84 31.60
CA GLY C 45 -13.77 15.25 31.83
C GLY C 45 -14.73 15.14 30.65
N TRP C 46 -14.39 14.29 29.67
CA TRP C 46 -15.35 13.94 28.64
C TRP C 46 -16.46 13.04 29.21
N SER C 47 -17.70 13.25 28.76
CA SER C 47 -18.81 12.32 29.03
C SER C 47 -18.60 11.03 28.23
N LEU C 48 -18.76 9.89 28.90
CA LEU C 48 -18.42 8.59 28.31
C LEU C 48 -19.62 7.68 28.17
N VAL C 49 -19.69 7.03 27.00
CA VAL C 49 -20.59 5.90 26.78
C VAL C 49 -19.69 4.71 26.47
N LEU C 50 -19.76 3.72 27.36
CA LEU C 50 -18.86 2.59 27.37
C LEU C 50 -19.64 1.32 27.08
N THR C 51 -19.20 0.63 26.06
CA THR C 51 -19.85 -0.57 25.55
C THR C 51 -19.06 -1.79 26.03
N GLY C 52 -19.77 -2.82 26.51
CA GLY C 52 -19.09 -4.05 26.93
C GLY C 52 -20.02 -5.24 27.12
N ARG C 53 -19.54 -6.41 26.72
CA ARG C 53 -20.25 -7.67 26.95
C ARG C 53 -20.28 -8.08 28.42
N ARG C 54 -19.19 -7.79 29.13
CA ARG C 54 -19.04 -8.21 30.53
C ARG C 54 -19.65 -7.15 31.44
N GLU C 55 -20.93 -7.33 31.77
CA GLU C 55 -21.67 -6.34 32.55
C GLU C 55 -21.00 -5.94 33.85
N GLU C 56 -20.39 -6.90 34.54
CA GLU C 56 -19.86 -6.65 35.89
C GLU C 56 -18.54 -5.87 35.87
N ARG C 57 -17.59 -6.31 35.04
CA ARG C 57 -16.35 -5.56 34.80
C ARG C 57 -16.60 -4.16 34.22
N LEU C 58 -17.55 -4.07 33.28
CA LEU C 58 -17.88 -2.77 32.69
C LEU C 58 -18.43 -1.83 33.75
N GLN C 59 -19.39 -2.34 34.53
CA GLN C 59 -20.11 -1.54 35.51
C GLN C 59 -19.24 -1.03 36.66
N ALA C 60 -18.25 -1.84 37.06
CA ALA C 60 -17.26 -1.44 38.07
C ALA C 60 -16.37 -0.32 37.54
N LEU C 61 -15.89 -0.46 36.30
CA LEU C 61 -15.12 0.60 35.65
C LEU C 61 -15.90 1.91 35.56
N ALA C 62 -17.16 1.81 35.12
CA ALA C 62 -18.05 2.97 35.04
C ALA C 62 -18.20 3.62 36.42
N GLY C 63 -18.39 2.81 37.45
CA GLY C 63 -18.54 3.32 38.81
C GLY C 63 -17.31 4.04 39.31
N GLU C 64 -16.14 3.46 39.02
CA GLU C 64 -14.86 4.08 39.37
C GLU C 64 -14.68 5.42 38.64
N LEU C 65 -14.89 5.42 37.33
CA LEU C 65 -14.70 6.62 36.51
C LEU C 65 -15.82 7.65 36.71
N SER C 66 -16.93 7.20 37.30
CA SER C 66 -18.08 8.04 37.59
C SER C 66 -17.77 9.15 38.60
N ALA C 67 -16.70 8.95 39.39
CA ALA C 67 -16.22 9.94 40.36
C ALA C 67 -15.50 11.15 39.73
N LYS C 68 -14.97 11.00 38.51
CA LYS C 68 -14.34 12.15 37.81
C LYS C 68 -15.07 12.64 36.57
N THR C 69 -16.00 11.85 36.05
CA THR C 69 -16.79 12.22 34.88
C THR C 69 -18.14 11.48 34.79
N ARG C 70 -19.03 11.97 33.92
CA ARG C 70 -20.27 11.28 33.60
C ARG C 70 -19.99 10.05 32.75
N VAL C 71 -20.49 8.91 33.21
CA VAL C 71 -20.30 7.66 32.47
C VAL C 71 -21.65 6.94 32.29
N LEU C 72 -21.92 6.48 31.07
CA LEU C 72 -23.08 5.65 30.78
C LEU C 72 -22.65 4.28 30.30
N PRO C 73 -22.73 3.26 31.18
CA PRO C 73 -22.28 1.94 30.73
C PRO C 73 -23.41 1.21 29.98
N LEU C 74 -23.08 0.57 28.87
CA LEU C 74 -24.07 -0.16 28.09
C LEU C 74 -23.53 -1.56 27.88
N THR C 75 -24.19 -2.54 28.49
CA THR C 75 -23.80 -3.93 28.29
C THR C 75 -24.41 -4.46 27.00
N LEU C 76 -23.54 -4.91 26.11
CA LEU C 76 -23.84 -4.90 24.70
C LEU C 76 -22.78 -5.67 23.93
N ASP C 77 -23.21 -6.48 22.98
CA ASP C 77 -22.31 -7.13 22.02
C ASP C 77 -22.40 -6.38 20.69
N VAL C 78 -21.27 -5.86 20.22
CA VAL C 78 -21.23 -5.09 18.95
C VAL C 78 -21.73 -5.86 17.71
N ARG C 79 -21.56 -7.19 17.72
CA ARG C 79 -22.14 -8.08 16.69
C ARG C 79 -23.67 -8.00 16.59
N ASP C 80 -24.32 -7.60 17.68
CA ASP C 80 -25.78 -7.65 17.82
C ASP C 80 -26.36 -6.34 17.30
N ARG C 81 -26.70 -6.35 16.02
CA ARG C 81 -27.18 -5.17 15.31
C ARG C 81 -28.41 -4.53 15.94
N ALA C 82 -29.43 -5.37 16.21
CA ALA C 82 -30.68 -4.95 16.83
C ALA C 82 -30.51 -4.30 18.21
N ALA C 83 -29.66 -4.90 19.04
CA ALA C 83 -29.37 -4.39 20.39
C ALA C 83 -28.63 -3.06 20.32
N MSE C 84 -27.66 -3.00 19.42
CA MSE C 84 -26.89 -1.79 19.17
C MSE C 84 -27.79 -0.64 18.67
O MSE C 84 -27.67 0.48 19.13
CB MSE C 84 -25.78 -2.09 18.16
CG MSE C 84 -24.83 -0.94 17.97
SE MSE C 84 -23.19 -1.18 18.98
CE MSE C 84 -22.19 -1.98 17.56
N SER C 85 -28.72 -0.95 17.75
CA SER C 85 -29.64 0.05 17.23
C SER C 85 -30.61 0.53 18.31
N ALA C 86 -31.08 -0.40 19.14
CA ALA C 86 -31.91 -0.06 20.30
C ALA C 86 -31.17 0.82 21.31
N ALA C 87 -29.95 0.43 21.68
CA ALA C 87 -29.11 1.19 22.60
C ALA C 87 -28.88 2.64 22.15
N VAL C 88 -28.53 2.80 20.88
CA VAL C 88 -28.33 4.13 20.27
C VAL C 88 -29.61 4.96 20.24
N ASP C 89 -30.71 4.37 19.75
CA ASP C 89 -32.00 5.06 19.76
C ASP C 89 -32.40 5.55 21.16
N ASN C 90 -32.04 4.78 22.18
CA ASN C 90 -32.36 5.10 23.58
C ASN C 90 -31.31 5.95 24.32
N LEU C 91 -30.34 6.51 23.59
CA LEU C 91 -29.37 7.40 24.21
C LEU C 91 -30.02 8.68 24.75
N PRO C 92 -29.57 9.18 25.92
CA PRO C 92 -30.09 10.44 26.45
C PRO C 92 -29.76 11.63 25.56
N GLU C 93 -30.54 12.70 25.70
CA GLU C 93 -30.33 13.95 24.95
C GLU C 93 -28.94 14.55 25.06
N GLU C 94 -28.21 14.17 26.11
CA GLU C 94 -26.82 14.58 26.31
C GLU C 94 -25.95 14.23 25.10
N PHE C 95 -26.40 13.18 24.39
CA PHE C 95 -25.64 12.58 23.33
C PHE C 95 -26.27 12.81 21.95
N ALA C 96 -27.15 13.81 21.89
CA ALA C 96 -27.74 14.25 20.62
C ALA C 96 -26.64 14.63 19.64
N THR C 97 -25.52 15.10 20.17
CA THR C 97 -24.30 15.33 19.41
C THR C 97 -23.18 14.52 20.06
N LEU C 98 -22.38 13.87 19.24
CA LEU C 98 -21.29 13.06 19.73
C LEU C 98 -19.97 13.64 19.25
N ARG C 99 -19.05 13.94 20.17
CA ARG C 99 -17.75 14.45 19.72
C ARG C 99 -16.84 13.35 19.18
N GLY C 100 -16.70 12.26 19.96
CA GLY C 100 -15.77 11.20 19.64
C GLY C 100 -16.43 9.83 19.54
N LEU C 101 -15.89 8.99 18.64
CA LEU C 101 -16.18 7.56 18.63
C LEU C 101 -14.87 6.80 18.45
N ILE C 102 -14.57 5.91 19.39
CA ILE C 102 -13.47 4.96 19.28
C ILE C 102 -14.05 3.56 19.00
N ASN C 103 -13.78 3.04 17.80
CA ASN C 103 -14.15 1.68 17.46
C ASN C 103 -13.00 0.76 17.88
N ASN C 104 -13.12 0.23 19.08
CA ASN C 104 -12.06 -0.53 19.72
C ASN C 104 -12.40 -2.02 19.78
N ALA C 105 -13.68 -2.34 19.93
CA ALA C 105 -14.13 -3.74 20.04
C ALA C 105 -13.58 -4.60 18.89
N GLY C 106 -12.84 -5.64 19.23
CA GLY C 106 -12.23 -6.51 18.24
C GLY C 106 -11.39 -7.58 18.91
N LEU C 107 -11.11 -8.66 18.20
CA LEU C 107 -10.31 -9.76 18.76
C LEU C 107 -9.64 -10.56 17.66
N ALA C 108 -8.59 -11.29 18.05
CA ALA C 108 -7.95 -12.30 17.22
C ALA C 108 -8.24 -13.67 17.84
N LEU C 109 -8.61 -14.64 17.00
CA LEU C 109 -8.99 -15.98 17.49
C LEU C 109 -8.31 -17.09 16.72
N GLY C 110 -7.57 -17.92 17.44
CA GLY C 110 -7.01 -19.11 16.85
C GLY C 110 -5.54 -18.98 16.56
N THR C 111 -4.94 -20.13 16.20
CA THR C 111 -3.51 -20.24 15.95
C THR C 111 -3.24 -20.96 14.61
N ASP C 112 -4.01 -22.03 14.39
CA ASP C 112 -3.95 -22.82 13.15
C ASP C 112 -3.65 -22.02 11.87
N PRO C 113 -2.89 -22.63 10.93
CA PRO C 113 -2.85 -22.10 9.56
C PRO C 113 -4.27 -22.11 8.98
N ALA C 114 -4.54 -21.24 8.01
CA ALA C 114 -5.89 -21.10 7.45
C ALA C 114 -6.62 -22.43 7.20
N GLN C 115 -5.90 -23.41 6.65
CA GLN C 115 -6.48 -24.68 6.22
C GLN C 115 -6.98 -25.61 7.34
N SER C 116 -6.59 -25.35 8.58
CA SER C 116 -7.08 -26.13 9.73
C SER C 116 -7.82 -25.24 10.74
N CYS C 117 -8.23 -24.07 10.29
CA CYS C 117 -8.96 -23.15 11.15
C CYS C 117 -10.40 -23.56 11.37
N ASP C 118 -10.96 -23.03 12.45
CA ASP C 118 -12.34 -23.25 12.85
C ASP C 118 -13.16 -22.07 12.31
N LEU C 119 -14.16 -22.37 11.50
CA LEU C 119 -14.95 -21.31 10.84
C LEU C 119 -15.76 -20.48 11.83
N ASP C 120 -16.09 -21.07 12.96
CA ASP C 120 -16.66 -20.36 14.11
C ASP C 120 -15.80 -19.19 14.56
N ASP C 121 -14.49 -19.40 14.64
CA ASP C 121 -13.53 -18.33 14.98
C ASP C 121 -13.50 -17.24 13.91
N TRP C 122 -13.61 -17.67 12.65
CA TRP C 122 -13.56 -16.74 11.51
C TRP C 122 -14.82 -15.89 11.45
N ASP C 123 -15.97 -16.49 11.71
CA ASP C 123 -17.26 -15.78 11.77
C ASP C 123 -17.25 -14.70 12.87
N THR C 124 -16.73 -15.08 14.04
CA THR C 124 -16.70 -14.22 15.20
C THR C 124 -15.80 -13.02 14.94
N MSE C 125 -14.65 -13.24 14.32
CA MSE C 125 -13.76 -12.12 14.02
C MSE C 125 -14.40 -11.19 12.98
O MSE C 125 -14.37 -9.98 13.14
CB MSE C 125 -12.38 -12.58 13.56
CG MSE C 125 -11.49 -13.11 14.67
SE MSE C 125 -9.72 -13.52 13.98
CE MSE C 125 -10.17 -15.16 13.05
N VAL C 126 -15.00 -11.75 11.93
CA VAL C 126 -15.61 -10.90 10.91
C VAL C 126 -16.77 -10.10 11.51
N ASP C 127 -17.63 -10.77 12.27
CA ASP C 127 -18.81 -10.13 12.87
C ASP C 127 -18.45 -9.03 13.86
N THR C 128 -17.40 -9.26 14.64
CA THR C 128 -16.91 -8.31 15.65
C THR C 128 -16.09 -7.20 15.03
N ASN C 129 -15.02 -7.59 14.32
CA ASN C 129 -14.00 -6.66 13.87
C ASN C 129 -14.47 -5.81 12.70
N ILE C 130 -15.38 -6.37 11.91
CA ILE C 130 -15.91 -5.62 10.76
C ILE C 130 -17.37 -5.17 11.02
N LYS C 131 -18.29 -6.11 11.13
CA LYS C 131 -19.71 -5.76 11.29
C LYS C 131 -19.96 -4.90 12.55
N GLY C 132 -19.31 -5.25 13.65
CA GLY C 132 -19.42 -4.46 14.88
C GLY C 132 -19.05 -3.00 14.69
N LEU C 133 -17.93 -2.77 14.00
CA LEU C 133 -17.45 -1.41 13.68
C LEU C 133 -18.37 -0.70 12.67
N LEU C 134 -18.90 -1.44 11.70
CA LEU C 134 -19.86 -0.87 10.76
C LEU C 134 -21.16 -0.46 11.45
N TYR C 135 -21.65 -1.30 12.37
CA TYR C 135 -22.88 -0.99 13.10
C TYR C 135 -22.67 0.26 13.96
N SER C 136 -21.62 0.27 14.77
CA SER C 136 -21.37 1.38 15.66
C SER C 136 -21.11 2.68 14.90
N THR C 137 -20.37 2.60 13.79
CA THR C 137 -20.14 3.76 12.93
C THR C 137 -21.42 4.31 12.26
N ARG C 138 -22.18 3.46 11.57
CA ARG C 138 -23.39 3.88 10.85
C ARG C 138 -24.45 4.43 11.79
N LEU C 139 -24.69 3.72 12.89
CA LEU C 139 -25.72 4.11 13.87
C LEU C 139 -25.43 5.44 14.54
N LEU C 140 -24.15 5.74 14.72
CA LEU C 140 -23.72 6.94 15.44
C LEU C 140 -23.31 8.11 14.54
N LEU C 141 -23.14 7.86 13.23
CA LEU C 141 -22.77 8.94 12.30
C LEU C 141 -23.69 10.17 12.38
N PRO C 142 -25.02 9.99 12.38
CA PRO C 142 -25.83 11.21 12.49
C PRO C 142 -25.45 12.12 13.68
N ARG C 143 -25.07 11.51 14.80
CA ARG C 143 -24.70 12.27 16.02
C ARG C 143 -23.33 12.90 15.89
N LEU C 144 -22.44 12.22 15.17
CA LEU C 144 -21.13 12.76 14.86
C LEU C 144 -21.29 13.93 13.86
N ILE C 145 -22.10 13.72 12.83
CA ILE C 145 -22.44 14.80 11.87
C ILE C 145 -22.96 16.02 12.63
N ALA C 146 -23.93 15.79 13.52
CA ALA C 146 -24.58 16.89 14.27
C ALA C 146 -23.62 17.70 15.16
N HIS C 147 -22.62 17.04 15.75
CA HIS C 147 -21.52 17.74 16.41
C HIS C 147 -20.77 18.62 15.40
N GLY C 148 -20.43 18.05 14.25
CA GLY C 148 -19.77 18.78 13.17
C GLY C 148 -18.28 19.04 13.39
N ALA C 149 -17.89 20.30 13.26
CA ALA C 149 -16.49 20.72 13.41
C ALA C 149 -15.85 20.12 14.68
N GLY C 150 -14.75 19.40 14.49
CA GLY C 150 -13.99 18.83 15.62
C GLY C 150 -14.33 17.39 15.96
N ALA C 151 -15.41 16.87 15.37
CA ALA C 151 -15.81 15.49 15.60
C ALA C 151 -14.76 14.54 15.05
N SER C 152 -14.60 13.39 15.72
CA SER C 152 -13.56 12.43 15.40
C SER C 152 -13.99 10.99 15.59
N ILE C 153 -13.72 10.17 14.57
CA ILE C 153 -13.81 8.72 14.65
C ILE C 153 -12.40 8.15 14.64
N VAL C 154 -12.08 7.33 15.63
CA VAL C 154 -10.80 6.61 15.61
C VAL C 154 -11.12 5.11 15.56
N ASN C 155 -10.66 4.47 14.49
CA ASN C 155 -10.86 3.04 14.30
C ASN C 155 -9.60 2.30 14.73
N LEU C 156 -9.76 1.22 15.48
CA LEU C 156 -8.59 0.42 15.85
C LEU C 156 -8.22 -0.56 14.75
N GLY C 157 -7.21 -0.19 13.97
CA GLY C 157 -6.69 -1.05 12.92
C GLY C 157 -5.56 -1.83 13.53
N SER C 158 -4.58 -2.17 12.70
CA SER C 158 -3.43 -2.93 13.15
C SER C 158 -2.39 -2.96 12.04
N VAL C 159 -1.13 -3.14 12.42
CA VAL C 159 -0.07 -3.47 11.46
C VAL C 159 -0.41 -4.73 10.64
N ALA C 160 -1.17 -5.63 11.26
CA ALA C 160 -1.67 -6.83 10.58
C ALA C 160 -2.54 -6.52 9.35
N GLY C 161 -3.07 -5.31 9.24
CA GLY C 161 -3.83 -4.93 8.06
C GLY C 161 -3.01 -4.63 6.81
N LYS C 162 -1.69 -4.55 6.97
CA LYS C 162 -0.76 -4.14 5.91
C LYS C 162 0.28 -5.21 5.60
N TRP C 163 0.74 -5.89 6.65
CA TRP C 163 1.90 -6.75 6.57
C TRP C 163 1.49 -8.18 6.82
N PRO C 164 1.77 -9.06 5.84
CA PRO C 164 1.33 -10.43 5.96
C PRO C 164 2.31 -11.20 6.83
N TYR C 165 1.81 -12.21 7.52
CA TYR C 165 2.66 -13.10 8.32
C TYR C 165 1.87 -14.38 8.54
N PRO C 166 2.57 -15.49 8.90
CA PRO C 166 1.87 -16.73 9.16
C PRO C 166 0.77 -16.60 10.22
N GLY C 167 -0.36 -17.24 9.96
CA GLY C 167 -1.48 -17.27 10.91
C GLY C 167 -2.33 -16.01 10.94
N SER C 168 -1.95 -14.99 10.17
CA SER C 168 -2.68 -13.72 10.16
C SER C 168 -4.02 -13.82 9.44
N HIS C 169 -4.09 -14.69 8.43
CA HIS C 169 -5.28 -14.84 7.58
C HIS C 169 -6.41 -13.83 7.79
N VAL C 170 -7.39 -14.18 8.62
CA VAL C 170 -8.62 -13.41 8.77
C VAL C 170 -8.46 -12.17 9.64
N TYR C 171 -7.69 -12.30 10.72
CA TYR C 171 -7.45 -11.13 11.55
C TYR C 171 -6.86 -9.97 10.73
N GLY C 172 -5.76 -10.23 10.02
CA GLY C 172 -5.20 -9.22 9.11
C GLY C 172 -6.18 -8.71 8.07
N GLY C 173 -6.93 -9.62 7.46
CA GLY C 173 -7.94 -9.23 6.45
C GLY C 173 -8.94 -8.25 7.06
N THR C 174 -9.42 -8.62 8.23
CA THR C 174 -10.31 -7.81 9.06
C THR C 174 -9.77 -6.39 9.28
N LYS C 175 -8.46 -6.29 9.54
CA LYS C 175 -7.84 -5.01 9.83
C LYS C 175 -7.57 -4.20 8.56
N ALA C 176 -7.39 -4.93 7.45
CA ALA C 176 -7.26 -4.33 6.12
C ALA C 176 -8.59 -3.72 5.68
N PHE C 177 -9.69 -4.43 6.01
CA PHE C 177 -11.04 -3.88 5.82
C PHE C 177 -11.15 -2.54 6.51
N VAL C 178 -10.76 -2.50 7.80
CA VAL C 178 -10.92 -1.32 8.67
C VAL C 178 -10.14 -0.12 8.09
N GLU C 179 -8.89 -0.38 7.68
CA GLU C 179 -8.06 0.62 7.03
C GLU C 179 -8.71 1.27 5.82
N GLN C 180 -9.16 0.48 4.87
CA GLN C 180 -9.77 1.00 3.64
C GLN C 180 -11.09 1.68 3.93
N PHE C 181 -11.85 1.10 4.85
CA PHE C 181 -13.13 1.68 5.25
C PHE C 181 -12.96 3.09 5.80
N SER C 182 -11.96 3.30 6.64
CA SER C 182 -11.68 4.64 7.21
C SER C 182 -11.45 5.66 6.11
N LEU C 183 -10.53 5.37 5.20
CA LEU C 183 -10.22 6.23 4.05
C LEU C 183 -11.45 6.47 3.22
N ASN C 184 -12.18 5.42 2.87
CA ASN C 184 -13.44 5.55 2.12
C ASN C 184 -14.49 6.41 2.81
N LEU C 185 -14.62 6.26 4.12
CA LEU C 185 -15.61 7.02 4.89
C LEU C 185 -15.36 8.52 4.76
N ARG C 186 -14.09 8.94 4.79
CA ARG C 186 -13.72 10.34 4.57
C ARG C 186 -14.24 10.94 3.25
N CYS C 187 -14.37 10.12 2.21
CA CYS C 187 -14.88 10.55 0.91
C CYS C 187 -16.37 10.84 0.92
N ASP C 188 -17.07 10.36 1.93
CA ASP C 188 -18.51 10.56 2.07
C ASP C 188 -18.83 11.67 3.07
N LEU C 189 -17.82 12.12 3.82
CA LEU C 189 -18.05 13.08 4.90
C LEU C 189 -17.82 14.56 4.61
N GLN C 190 -17.83 14.93 3.32
CA GLN C 190 -17.63 16.33 2.87
C GLN C 190 -18.54 17.29 3.56
N GLY C 191 -17.97 18.40 4.04
CA GLY C 191 -18.74 19.54 4.58
C GLY C 191 -19.27 19.31 5.97
N THR C 192 -18.91 18.16 6.48
CA THR C 192 -19.42 17.61 7.71
C THR C 192 -18.56 18.04 8.91
N GLY C 193 -17.25 18.14 8.69
CA GLY C 193 -16.32 18.47 9.77
C GLY C 193 -15.81 17.25 10.50
N VAL C 194 -16.43 16.09 10.28
CA VAL C 194 -16.06 14.86 10.98
C VAL C 194 -14.75 14.28 10.45
N ARG C 195 -13.82 14.06 11.36
CA ARG C 195 -12.55 13.42 11.06
C ARG C 195 -12.64 11.90 11.19
N VAL C 196 -11.78 11.18 10.43
CA VAL C 196 -11.65 9.71 10.56
C VAL C 196 -10.18 9.33 10.56
N THR C 197 -9.79 8.49 11.52
CA THR C 197 -8.40 8.07 11.67
C THR C 197 -8.35 6.55 11.88
N ASN C 198 -7.47 5.88 11.12
CA ASN C 198 -7.12 4.49 11.37
C ASN C 198 -5.81 4.47 12.18
N LEU C 199 -5.93 4.09 13.45
CA LEU C 199 -4.74 3.87 14.27
C LEU C 199 -4.29 2.43 14.11
N GLU C 200 -3.04 2.24 13.67
CA GLU C 200 -2.54 0.89 13.41
C GLU C 200 -1.40 0.48 14.35
N PRO C 201 -1.74 -0.07 15.53
CA PRO C 201 -0.74 -0.50 16.50
C PRO C 201 -0.06 -1.83 16.19
N GLY C 202 1.20 -1.93 16.60
CA GLY C 202 1.97 -3.17 16.45
C GLY C 202 1.90 -4.02 17.69
N LEU C 203 3.06 -4.45 18.17
CA LEU C 203 3.14 -5.37 19.29
C LEU C 203 2.80 -4.68 20.60
N CYS C 204 1.80 -5.23 21.28
CA CYS C 204 1.33 -4.74 22.58
C CYS C 204 1.62 -5.73 23.70
N GLU C 205 1.67 -5.20 24.93
CA GLU C 205 1.57 -6.00 26.14
C GLU C 205 0.09 -6.38 26.25
N SER C 206 -0.76 -5.40 25.92
CA SER C 206 -2.22 -5.40 26.15
C SER C 206 -3.00 -6.51 25.43
N GLY C 226 12.24 -8.40 27.28
CA GLY C 226 12.69 -7.01 27.35
C GLY C 226 12.38 -6.23 26.09
N ALA C 227 11.22 -6.48 25.50
CA ALA C 227 10.82 -5.91 24.21
C ALA C 227 10.17 -4.52 24.30
N HIS C 228 9.80 -4.12 25.53
CA HIS C 228 9.09 -2.85 25.81
C HIS C 228 7.92 -2.58 24.84
N PRO C 229 6.91 -3.46 24.83
CA PRO C 229 5.83 -3.35 23.87
C PRO C 229 4.99 -2.10 24.10
N ILE C 230 4.13 -1.78 23.13
CA ILE C 230 3.12 -0.73 23.32
C ILE C 230 2.28 -1.08 24.56
N GLN C 231 2.00 -0.08 25.39
CA GLN C 231 1.12 -0.26 26.53
C GLN C 231 -0.24 0.37 26.21
N PRO C 232 -1.32 -0.13 26.84
CA PRO C 232 -2.64 0.42 26.59
C PRO C 232 -2.70 1.92 26.81
N GLU C 233 -1.92 2.42 27.77
CA GLU C 233 -1.87 3.84 28.06
C GLU C 233 -1.23 4.66 26.94
N ASP C 234 -0.30 4.04 26.18
CA ASP C 234 0.28 4.64 24.97
C ASP C 234 -0.76 4.85 23.88
N ILE C 235 -1.59 3.83 23.65
CA ILE C 235 -2.74 3.92 22.73
C ILE C 235 -3.73 5.00 23.19
N ALA C 236 -4.06 4.99 24.48
CA ALA C 236 -4.92 6.01 25.07
C ALA C 236 -4.40 7.45 24.87
N GLU C 237 -3.13 7.69 25.19
CA GLU C 237 -2.51 9.00 24.89
C GLU C 237 -2.55 9.39 23.41
N THR C 238 -2.31 8.41 22.54
CA THR C 238 -2.22 8.66 21.10
C THR C 238 -3.60 9.03 20.55
N ILE C 239 -4.63 8.29 20.96
CA ILE C 239 -6.01 8.60 20.60
C ILE C 239 -6.46 9.96 21.16
N PHE C 240 -6.11 10.24 22.41
CA PHE C 240 -6.37 11.57 22.97
C PHE C 240 -5.78 12.70 22.08
N TRP C 241 -4.50 12.56 21.72
CA TRP C 241 -3.86 13.48 20.78
C TRP C 241 -4.61 13.57 19.44
N ILE C 242 -4.97 12.41 18.87
CA ILE C 242 -5.68 12.39 17.59
C ILE C 242 -6.99 13.16 17.68
N MSE C 243 -7.77 12.89 18.73
CA MSE C 243 -9.08 13.49 18.90
C MSE C 243 -9.09 14.97 19.28
O MSE C 243 -10.12 15.65 19.13
CB MSE C 243 -9.91 12.67 19.89
CG MSE C 243 -10.34 11.33 19.33
SE MSE C 243 -11.70 10.50 20.44
CE MSE C 243 -12.45 9.34 19.06
N ASN C 244 -7.96 15.47 19.78
CA ASN C 244 -7.85 16.88 20.11
C ASN C 244 -7.16 17.71 19.03
N GLN C 245 -6.91 17.09 17.86
CA GLN C 245 -6.36 17.81 16.71
C GLN C 245 -7.28 18.97 16.35
N PRO C 246 -6.68 20.12 15.99
CA PRO C 246 -7.39 21.27 15.44
C PRO C 246 -8.40 20.84 14.41
N ALA C 247 -9.59 21.41 14.47
CA ALA C 247 -10.74 21.04 13.66
C ALA C 247 -10.44 20.86 12.17
N HIS C 248 -9.45 21.60 11.67
CA HIS C 248 -9.17 21.63 10.24
C HIS C 248 -8.29 20.48 9.73
N LEU C 249 -7.72 19.71 10.67
CA LEU C 249 -6.78 18.63 10.39
C LEU C 249 -7.38 17.24 10.53
N ASN C 250 -7.09 16.37 9.56
CA ASN C 250 -7.42 14.96 9.66
C ASN C 250 -6.20 14.08 9.51
N ILE C 251 -5.81 13.40 10.59
CA ILE C 251 -4.82 12.34 10.49
C ILE C 251 -5.54 11.16 9.85
N ASN C 252 -5.16 10.81 8.63
CA ASN C 252 -5.76 9.70 7.93
C ASN C 252 -5.40 8.38 8.60
N SER C 253 -4.14 8.23 8.95
CA SER C 253 -3.64 6.97 9.49
C SER C 253 -2.35 7.21 10.25
N LEU C 254 -2.08 6.33 11.20
CA LEU C 254 -0.91 6.44 12.02
C LEU C 254 -0.55 5.03 12.44
N GLU C 255 0.62 4.57 12.00
CA GLU C 255 1.12 3.25 12.34
C GLU C 255 2.24 3.32 13.37
N ILE C 256 1.99 2.70 14.50
CA ILE C 256 2.88 2.79 15.64
C ILE C 256 3.28 1.39 16.04
N MSE C 257 4.57 1.20 16.25
CA MSE C 257 5.12 -0.07 16.67
C MSE C 257 6.00 0.24 17.86
O MSE C 257 6.43 1.38 18.02
CB MSE C 257 6.00 -0.67 15.55
CG MSE C 257 5.26 -1.36 14.41
SE MSE C 257 6.54 -2.24 13.17
CE MSE C 257 5.23 -3.05 12.02
N PRO C 258 6.26 -0.78 18.71
CA PRO C 258 7.39 -0.54 19.61
C PRO C 258 8.66 -0.44 18.75
N VAL C 259 9.64 0.34 19.20
CA VAL C 259 10.91 0.49 18.46
C VAL C 259 11.65 -0.85 18.31
N SER C 260 11.43 -1.76 19.27
CA SER C 260 11.90 -3.16 19.21
C SER C 260 11.39 -3.94 17.99
N GLN C 261 10.26 -3.51 17.43
CA GLN C 261 9.61 -4.22 16.34
C GLN C 261 9.89 -3.59 14.96
N SER C 262 10.37 -4.40 14.02
CA SER C 262 10.54 -4.02 12.62
C SER C 262 10.08 -5.15 11.69
N TRP C 263 10.64 -5.26 10.49
CA TRP C 263 10.17 -6.24 9.49
C TRP C 263 11.21 -7.29 9.21
N ALA C 264 10.78 -8.54 9.03
CA ALA C 264 11.70 -9.66 8.83
C ALA C 264 11.98 -9.99 7.36
N GLY C 265 11.15 -9.49 6.45
CA GLY C 265 11.29 -9.77 5.03
C GLY C 265 10.58 -11.06 4.65
N PHE C 266 11.27 -11.94 3.92
CA PHE C 266 10.63 -13.07 3.27
C PHE C 266 11.07 -14.40 3.84
N ALA C 267 10.18 -15.39 3.75
CA ALA C 267 10.56 -16.76 4.09
C ALA C 267 10.62 -17.60 2.83
N ILE C 268 11.60 -18.49 2.75
CA ILE C 268 11.68 -19.42 1.64
C ILE C 268 11.52 -20.81 2.19
N HIS C 269 10.56 -21.56 1.66
CA HIS C 269 10.38 -22.94 2.09
C HIS C 269 11.33 -23.88 1.33
N SER D 21 -5.55 -34.72 -13.15
CA SER D 21 -6.11 -33.86 -12.08
C SER D 21 -6.25 -32.43 -12.59
N SER D 22 -7.39 -32.11 -13.22
CA SER D 22 -7.61 -30.78 -13.81
C SER D 22 -9.05 -30.29 -13.60
N THR D 23 -9.36 -29.99 -12.34
CA THR D 23 -10.70 -29.69 -11.88
C THR D 23 -10.80 -28.24 -11.38
N LEU D 24 -11.96 -27.62 -11.56
CA LEU D 24 -12.16 -26.22 -11.17
C LEU D 24 -13.52 -25.99 -10.49
N PHE D 25 -13.47 -25.29 -9.36
CA PHE D 25 -14.65 -24.87 -8.62
C PHE D 25 -14.79 -23.35 -8.80
N ILE D 26 -15.94 -22.90 -9.31
CA ILE D 26 -16.22 -21.47 -9.50
C ILE D 26 -17.48 -21.06 -8.73
N THR D 27 -17.36 -20.04 -7.87
CA THR D 27 -18.50 -19.49 -7.16
C THR D 27 -19.09 -18.33 -7.95
N GLY D 28 -20.42 -18.15 -7.89
CA GLY D 28 -21.08 -17.07 -8.61
C GLY D 28 -20.93 -17.22 -10.10
N ALA D 29 -21.31 -18.38 -10.61
CA ALA D 29 -20.94 -18.79 -11.97
C ALA D 29 -21.88 -18.36 -13.10
N THR D 30 -23.05 -17.82 -12.79
CA THR D 30 -24.11 -17.77 -13.83
C THR D 30 -24.03 -16.66 -14.90
N SER D 31 -23.35 -15.55 -14.60
CA SER D 31 -23.37 -14.39 -15.52
C SER D 31 -22.11 -13.52 -15.56
N GLY D 32 -21.19 -13.71 -14.63
CA GLY D 32 -20.20 -12.65 -14.52
C GLY D 32 -18.93 -12.90 -15.29
N PHE D 33 -17.85 -12.41 -14.68
CA PHE D 33 -16.56 -12.97 -14.88
C PHE D 33 -16.77 -14.48 -14.70
N GLY D 34 -17.78 -14.83 -13.89
CA GLY D 34 -18.08 -16.22 -13.53
C GLY D 34 -18.42 -17.13 -14.69
N GLU D 35 -19.41 -16.73 -15.47
CA GLU D 35 -19.79 -17.46 -16.68
C GLU D 35 -18.66 -17.48 -17.70
N ALA D 36 -18.05 -16.31 -17.92
CA ALA D 36 -16.90 -16.19 -18.82
C ALA D 36 -15.80 -17.18 -18.44
N CYS D 37 -15.50 -17.28 -17.13
CA CYS D 37 -14.49 -18.22 -16.63
C CYS D 37 -14.86 -19.68 -16.86
N ALA D 38 -16.11 -20.04 -16.56
CA ALA D 38 -16.63 -21.37 -16.83
C ALA D 38 -16.46 -21.73 -18.31
N ARG D 39 -16.78 -20.78 -19.20
CA ARG D 39 -16.75 -21.02 -20.63
C ARG D 39 -15.30 -21.11 -21.13
N ARG D 40 -14.46 -20.21 -20.65
CA ARG D 40 -13.03 -20.23 -20.99
C ARG D 40 -12.36 -21.55 -20.58
N PHE D 41 -12.61 -22.01 -19.36
CA PHE D 41 -11.97 -23.23 -18.89
C PHE D 41 -12.57 -24.49 -19.50
N ALA D 42 -13.82 -24.39 -19.96
CA ALA D 42 -14.50 -25.50 -20.63
C ALA D 42 -13.82 -25.79 -21.98
N GLU D 43 -13.39 -24.74 -22.67
CA GLU D 43 -12.62 -24.86 -23.93
C GLU D 43 -11.35 -25.67 -23.71
N ALA D 44 -10.75 -25.48 -22.53
CA ALA D 44 -9.51 -26.15 -22.17
C ALA D 44 -9.81 -27.50 -21.60
N GLY D 45 -11.10 -27.78 -21.41
CA GLY D 45 -11.55 -29.10 -20.95
C GLY D 45 -11.34 -29.41 -19.48
N TRP D 46 -11.19 -28.40 -18.64
CA TRP D 46 -11.15 -28.63 -17.20
C TRP D 46 -12.52 -29.10 -16.73
N SER D 47 -12.54 -30.00 -15.74
CA SER D 47 -13.80 -30.45 -15.13
C SER D 47 -14.32 -29.41 -14.11
N LEU D 48 -15.56 -28.97 -14.34
CA LEU D 48 -16.14 -27.78 -13.72
C LEU D 48 -17.17 -28.08 -12.63
N VAL D 49 -17.00 -27.47 -11.46
CA VAL D 49 -18.08 -27.37 -10.48
C VAL D 49 -18.54 -25.93 -10.52
N LEU D 50 -19.82 -25.71 -10.83
CA LEU D 50 -20.37 -24.36 -10.95
C LEU D 50 -21.40 -24.06 -9.86
N THR D 51 -21.17 -22.96 -9.14
CA THR D 51 -21.96 -22.57 -7.99
C THR D 51 -22.82 -21.34 -8.33
N GLY D 52 -24.09 -21.34 -7.93
CA GLY D 52 -24.97 -20.22 -8.25
C GLY D 52 -26.33 -20.23 -7.57
N ARG D 53 -26.84 -19.04 -7.27
CA ARG D 53 -28.18 -18.89 -6.67
C ARG D 53 -29.27 -19.09 -7.71
N ARG D 54 -28.98 -18.67 -8.94
CA ARG D 54 -29.97 -18.68 -10.03
C ARG D 54 -29.95 -20.03 -10.74
N GLU D 55 -30.72 -20.98 -10.19
CA GLU D 55 -30.72 -22.39 -10.62
C GLU D 55 -30.91 -22.63 -12.12
N GLU D 56 -31.89 -21.95 -12.72
CA GLU D 56 -32.25 -22.20 -14.13
C GLU D 56 -31.21 -21.67 -15.12
N ARG D 57 -30.75 -20.44 -14.88
CA ARG D 57 -29.65 -19.84 -15.63
C ARG D 57 -28.37 -20.67 -15.44
N LEU D 58 -28.16 -21.16 -14.22
CA LEU D 58 -27.02 -22.04 -13.92
C LEU D 58 -27.11 -23.37 -14.68
N GLN D 59 -28.27 -24.01 -14.65
CA GLN D 59 -28.46 -25.30 -15.30
C GLN D 59 -28.36 -25.24 -16.83
N ALA D 60 -28.91 -24.18 -17.41
CA ALA D 60 -28.80 -23.93 -18.86
C ALA D 60 -27.34 -23.81 -19.33
N LEU D 61 -26.52 -23.17 -18.50
CA LEU D 61 -25.09 -22.94 -18.78
C LEU D 61 -24.31 -24.25 -18.69
N ALA D 62 -24.60 -25.04 -17.66
CA ALA D 62 -23.99 -26.35 -17.48
C ALA D 62 -24.35 -27.28 -18.63
N GLY D 63 -25.62 -27.25 -19.04
CA GLY D 63 -26.11 -28.01 -20.18
C GLY D 63 -25.43 -27.68 -21.49
N GLU D 64 -25.21 -26.39 -21.74
CA GLU D 64 -24.44 -25.94 -22.91
C GLU D 64 -22.99 -26.43 -22.88
N LEU D 65 -22.34 -26.31 -21.73
CA LEU D 65 -20.91 -26.63 -21.60
C LEU D 65 -20.64 -28.14 -21.44
N SER D 66 -21.68 -28.90 -21.10
CA SER D 66 -21.59 -30.37 -21.07
C SER D 66 -21.21 -30.97 -22.42
N ALA D 67 -21.35 -30.18 -23.48
CA ALA D 67 -20.87 -30.57 -24.82
C ALA D 67 -19.34 -30.56 -24.91
N LYS D 68 -18.71 -29.72 -24.10
CA LYS D 68 -17.27 -29.52 -24.12
C LYS D 68 -16.52 -30.19 -22.97
N THR D 69 -17.16 -30.28 -21.80
CA THR D 69 -16.51 -30.86 -20.61
C THR D 69 -17.50 -31.40 -19.58
N ARG D 70 -16.96 -32.07 -18.56
CA ARG D 70 -17.72 -32.45 -17.38
C ARG D 70 -18.05 -31.19 -16.56
N VAL D 71 -19.34 -30.99 -16.32
CA VAL D 71 -19.82 -29.89 -15.48
C VAL D 71 -20.72 -30.43 -14.37
N LEU D 72 -20.58 -29.84 -13.17
CA LEU D 72 -21.48 -30.10 -12.06
C LEU D 72 -22.04 -28.77 -11.51
N PRO D 73 -23.31 -28.46 -11.85
CA PRO D 73 -23.94 -27.27 -11.30
C PRO D 73 -24.48 -27.53 -9.90
N LEU D 74 -24.12 -26.65 -8.97
CA LEU D 74 -24.60 -26.70 -7.60
C LEU D 74 -25.33 -25.40 -7.29
N THR D 75 -26.60 -25.52 -6.88
CA THR D 75 -27.42 -24.35 -6.57
C THR D 75 -27.10 -23.93 -5.14
N LEU D 76 -26.49 -22.77 -4.98
CA LEU D 76 -26.19 -22.29 -3.64
C LEU D 76 -25.82 -20.80 -3.49
N ASP D 77 -26.18 -20.28 -2.31
CA ASP D 77 -25.80 -18.95 -1.82
C ASP D 77 -24.50 -19.16 -1.04
N VAL D 78 -23.42 -18.48 -1.45
CA VAL D 78 -22.13 -18.63 -0.78
C VAL D 78 -22.15 -18.16 0.67
N ARG D 79 -23.16 -17.37 1.05
CA ARG D 79 -23.33 -16.88 2.42
C ARG D 79 -23.73 -18.00 3.36
N ASP D 80 -24.36 -19.04 2.82
CA ASP D 80 -24.94 -20.13 3.61
C ASP D 80 -23.89 -21.22 3.88
N ARG D 81 -23.28 -21.12 5.05
CA ARG D 81 -22.18 -21.97 5.48
C ARG D 81 -22.50 -23.46 5.55
N ALA D 82 -23.65 -23.80 6.13
CA ALA D 82 -24.08 -25.20 6.24
C ALA D 82 -24.26 -25.84 4.86
N ALA D 83 -24.83 -25.06 3.93
CA ALA D 83 -25.11 -25.54 2.57
C ALA D 83 -23.83 -25.69 1.77
N MSE D 84 -22.93 -24.71 1.88
CA MSE D 84 -21.61 -24.82 1.25
C MSE D 84 -20.87 -26.07 1.72
O MSE D 84 -20.31 -26.81 0.90
CB MSE D 84 -20.78 -23.56 1.51
CG MSE D 84 -19.43 -23.57 0.84
SE MSE D 84 -19.63 -23.51 -1.09
CE MSE D 84 -20.01 -21.60 -1.15
N SER D 85 -20.87 -26.32 3.03
CA SER D 85 -20.16 -27.46 3.58
C SER D 85 -20.81 -28.80 3.23
N ALA D 86 -22.13 -28.86 3.24
CA ALA D 86 -22.88 -30.02 2.74
C ALA D 86 -22.61 -30.26 1.25
N ALA D 87 -22.56 -29.19 0.44
CA ALA D 87 -22.26 -29.31 -0.98
C ALA D 87 -20.84 -29.83 -1.22
N VAL D 88 -19.88 -29.32 -0.43
CA VAL D 88 -18.48 -29.71 -0.55
C VAL D 88 -18.27 -31.17 -0.16
N ASP D 89 -18.79 -31.58 1.00
CA ASP D 89 -18.69 -32.98 1.44
C ASP D 89 -19.39 -33.97 0.49
N ASN D 90 -20.32 -33.46 -0.32
CA ASN D 90 -21.09 -34.30 -1.24
C ASN D 90 -20.49 -34.33 -2.66
N LEU D 91 -19.35 -33.67 -2.86
CA LEU D 91 -18.66 -33.73 -4.16
C LEU D 91 -18.26 -35.18 -4.49
N PRO D 92 -18.35 -35.56 -5.78
CA PRO D 92 -17.86 -36.86 -6.26
C PRO D 92 -16.39 -37.10 -5.91
N GLU D 93 -15.95 -38.35 -5.97
CA GLU D 93 -14.53 -38.71 -5.80
C GLU D 93 -13.61 -38.06 -6.86
N GLU D 94 -14.19 -37.64 -7.97
CA GLU D 94 -13.46 -36.94 -9.02
C GLU D 94 -12.73 -35.70 -8.48
N PHE D 95 -13.26 -35.13 -7.41
CA PHE D 95 -12.71 -33.89 -6.84
C PHE D 95 -12.01 -34.13 -5.50
N ALA D 96 -11.45 -35.34 -5.33
CA ALA D 96 -10.70 -35.70 -4.13
C ALA D 96 -9.47 -34.81 -4.05
N THR D 97 -8.94 -34.49 -5.24
CA THR D 97 -7.99 -33.40 -5.42
C THR D 97 -8.68 -32.28 -6.20
N LEU D 98 -8.33 -31.04 -5.91
CA LEU D 98 -8.89 -29.92 -6.66
C LEU D 98 -7.74 -29.07 -7.19
N ARG D 99 -7.77 -28.79 -8.49
CA ARG D 99 -6.68 -28.01 -9.12
C ARG D 99 -6.81 -26.50 -8.95
N GLY D 100 -8.00 -25.96 -9.25
CA GLY D 100 -8.22 -24.53 -9.13
C GLY D 100 -9.49 -24.14 -8.41
N LEU D 101 -9.47 -22.97 -7.76
CA LEU D 101 -10.66 -22.35 -7.17
C LEU D 101 -10.68 -20.88 -7.55
N ILE D 102 -11.76 -20.47 -8.21
CA ILE D 102 -12.03 -19.07 -8.47
C ILE D 102 -13.12 -18.62 -7.49
N ASN D 103 -12.73 -17.81 -6.51
CA ASN D 103 -13.67 -17.16 -5.58
C ASN D 103 -14.22 -15.87 -6.19
N ASN D 104 -15.29 -16.02 -6.95
CA ASN D 104 -15.80 -14.95 -7.80
C ASN D 104 -17.09 -14.30 -7.30
N ALA D 105 -17.85 -15.03 -6.49
CA ALA D 105 -19.10 -14.49 -5.91
C ALA D 105 -18.83 -13.25 -5.04
N GLY D 106 -19.56 -12.19 -5.36
CA GLY D 106 -19.39 -10.89 -4.71
C GLY D 106 -20.31 -9.86 -5.34
N LEU D 107 -20.59 -8.79 -4.62
CA LEU D 107 -21.49 -7.74 -5.11
C LEU D 107 -21.17 -6.40 -4.48
N ALA D 108 -21.53 -5.34 -5.20
CA ALA D 108 -21.59 -4.00 -4.64
C ALA D 108 -23.07 -3.67 -4.60
N LEU D 109 -23.49 -2.92 -3.59
CA LEU D 109 -24.88 -2.56 -3.47
C LEU D 109 -25.06 -1.04 -3.46
N GLY D 110 -24.38 -0.37 -4.39
CA GLY D 110 -24.56 1.07 -4.58
C GLY D 110 -23.46 1.98 -4.05
N THR D 111 -23.63 3.28 -4.33
CA THR D 111 -22.57 4.28 -4.15
C THR D 111 -23.01 5.49 -3.27
N ASP D 112 -24.12 5.32 -2.54
CA ASP D 112 -24.62 6.31 -1.58
C ASP D 112 -23.63 6.62 -0.43
N PRO D 113 -23.62 7.87 0.09
CA PRO D 113 -22.75 8.19 1.25
C PRO D 113 -23.02 7.24 2.41
N ALA D 114 -21.95 6.78 3.08
CA ALA D 114 -22.06 5.85 4.20
C ALA D 114 -23.13 6.19 5.26
N GLN D 115 -23.27 7.47 5.58
CA GLN D 115 -24.17 7.90 6.65
C GLN D 115 -25.66 7.70 6.33
N SER D 116 -25.96 7.33 5.09
CA SER D 116 -27.35 7.13 4.69
C SER D 116 -27.63 5.71 4.19
N CYS D 117 -26.63 4.83 4.31
CA CYS D 117 -26.75 3.46 3.84
C CYS D 117 -27.63 2.59 4.76
N ASP D 118 -28.14 1.52 4.18
CA ASP D 118 -28.94 0.54 4.87
C ASP D 118 -28.00 -0.59 5.33
N LEU D 119 -28.06 -0.93 6.61
CA LEU D 119 -27.16 -1.96 7.17
C LEU D 119 -27.42 -3.37 6.62
N ASP D 120 -28.62 -3.57 6.06
CA ASP D 120 -28.97 -4.79 5.34
C ASP D 120 -27.99 -5.03 4.18
N ASP D 121 -27.73 -3.97 3.41
CA ASP D 121 -26.83 -4.08 2.27
C ASP D 121 -25.41 -4.35 2.71
N TRP D 122 -25.06 -3.80 3.87
CA TRP D 122 -23.71 -3.93 4.39
C TRP D 122 -23.51 -5.34 4.90
N ASP D 123 -24.53 -5.89 5.54
CA ASP D 123 -24.55 -7.31 5.94
C ASP D 123 -24.38 -8.19 4.72
N THR D 124 -25.17 -7.91 3.68
CA THR D 124 -25.16 -8.72 2.46
C THR D 124 -23.78 -8.75 1.79
N MSE D 125 -23.12 -7.59 1.71
CA MSE D 125 -21.78 -7.51 1.08
C MSE D 125 -20.70 -8.19 1.93
O MSE D 125 -19.84 -8.91 1.40
CB MSE D 125 -21.39 -6.05 0.78
CG MSE D 125 -22.03 -5.43 -0.46
SE MSE D 125 -21.33 -3.63 -0.72
CE MSE D 125 -22.28 -2.67 0.68
N VAL D 126 -20.73 -7.97 3.24
CA VAL D 126 -19.77 -8.63 4.15
C VAL D 126 -19.98 -10.13 4.16
N ASP D 127 -21.25 -10.55 4.19
CA ASP D 127 -21.59 -11.98 4.18
C ASP D 127 -21.19 -12.68 2.88
N THR D 128 -21.37 -11.99 1.76
CA THR D 128 -21.04 -12.58 0.45
C THR D 128 -19.56 -12.46 0.10
N ASN D 129 -19.05 -11.22 0.10
CA ASN D 129 -17.70 -10.93 -0.37
C ASN D 129 -16.59 -11.41 0.56
N ILE D 130 -16.90 -11.47 1.86
CA ILE D 130 -15.91 -11.89 2.84
C ILE D 130 -16.22 -13.30 3.31
N LYS D 131 -17.32 -13.47 4.01
CA LYS D 131 -17.70 -14.78 4.53
C LYS D 131 -17.87 -15.86 3.46
N GLY D 132 -18.59 -15.55 2.38
CA GLY D 132 -18.72 -16.48 1.27
C GLY D 132 -17.35 -16.95 0.76
N LEU D 133 -16.47 -15.98 0.53
CA LEU D 133 -15.14 -16.29 0.06
C LEU D 133 -14.43 -17.20 1.07
N LEU D 134 -14.60 -16.91 2.37
CA LEU D 134 -13.88 -17.63 3.42
C LEU D 134 -14.33 -19.07 3.56
N TYR D 135 -15.64 -19.28 3.37
CA TYR D 135 -16.23 -20.62 3.40
C TYR D 135 -15.71 -21.47 2.26
N SER D 136 -15.86 -20.98 1.02
CA SER D 136 -15.40 -21.76 -0.13
C SER D 136 -13.91 -22.03 -0.03
N THR D 137 -13.11 -21.06 0.39
CA THR D 137 -11.68 -21.34 0.51
C THR D 137 -11.25 -22.28 1.66
N ARG D 138 -11.88 -22.19 2.84
CA ARG D 138 -11.56 -23.13 3.93
C ARG D 138 -12.04 -24.55 3.62
N LEU D 139 -13.23 -24.66 3.03
CA LEU D 139 -13.85 -25.98 2.83
C LEU D 139 -13.15 -26.78 1.73
N LEU D 140 -12.63 -26.08 0.73
CA LEU D 140 -11.98 -26.72 -0.42
C LEU D 140 -10.46 -26.78 -0.30
N LEU D 141 -9.91 -25.99 0.61
CA LEU D 141 -8.48 -25.91 0.82
C LEU D 141 -7.83 -27.30 1.02
N PRO D 142 -8.46 -28.22 1.80
CA PRO D 142 -7.79 -29.52 1.88
C PRO D 142 -7.73 -30.30 0.55
N ARG D 143 -8.66 -30.01 -0.36
CA ARG D 143 -8.66 -30.63 -1.67
C ARG D 143 -7.63 -30.00 -2.62
N LEU D 144 -7.37 -28.71 -2.43
CA LEU D 144 -6.37 -28.00 -3.22
C LEU D 144 -4.97 -28.42 -2.84
N ILE D 145 -4.77 -28.65 -1.55
CA ILE D 145 -3.52 -29.11 -0.98
C ILE D 145 -3.28 -30.55 -1.38
N ALA D 146 -4.35 -31.35 -1.43
CA ALA D 146 -4.27 -32.72 -1.93
C ALA D 146 -3.74 -32.77 -3.37
N HIS D 147 -4.20 -31.86 -4.23
CA HIS D 147 -3.66 -31.74 -5.60
C HIS D 147 -2.19 -31.35 -5.53
N GLY D 148 -1.89 -30.27 -4.82
CA GLY D 148 -0.53 -29.91 -4.49
C GLY D 148 0.11 -29.00 -5.53
N ALA D 149 1.22 -29.47 -6.11
CA ALA D 149 1.96 -28.69 -7.09
C ALA D 149 1.08 -28.29 -8.27
N GLY D 150 0.96 -26.99 -8.50
CA GLY D 150 0.22 -26.48 -9.64
C GLY D 150 -1.19 -26.04 -9.34
N ALA D 151 -1.65 -26.30 -8.13
CA ALA D 151 -2.99 -25.89 -7.72
C ALA D 151 -3.01 -24.38 -7.55
N SER D 152 -4.15 -23.76 -7.87
CA SER D 152 -4.28 -22.31 -7.83
C SER D 152 -5.61 -21.85 -7.25
N ILE D 153 -5.53 -20.81 -6.42
CA ILE D 153 -6.70 -20.11 -5.91
C ILE D 153 -6.62 -18.71 -6.50
N VAL D 154 -7.70 -18.29 -7.16
CA VAL D 154 -7.77 -16.90 -7.66
C VAL D 154 -8.95 -16.21 -6.95
N ASN D 155 -8.61 -15.27 -6.08
CA ASN D 155 -9.62 -14.44 -5.44
C ASN D 155 -9.90 -13.26 -6.32
N LEU D 156 -11.18 -12.89 -6.40
CA LEU D 156 -11.54 -11.66 -7.08
C LEU D 156 -11.64 -10.47 -6.14
N GLY D 157 -10.58 -9.68 -6.12
CA GLY D 157 -10.53 -8.44 -5.36
C GLY D 157 -10.98 -7.34 -6.30
N SER D 158 -10.42 -6.14 -6.14
CA SER D 158 -10.84 -4.99 -6.95
C SER D 158 -9.87 -3.84 -6.79
N VAL D 159 -9.87 -2.92 -7.75
CA VAL D 159 -9.17 -1.63 -7.58
C VAL D 159 -9.68 -0.90 -6.32
N ALA D 160 -10.95 -1.17 -5.96
CA ALA D 160 -11.59 -0.61 -4.76
C ALA D 160 -10.93 -1.06 -3.45
N GLY D 161 -10.20 -2.16 -3.48
CA GLY D 161 -9.51 -2.60 -2.28
C GLY D 161 -8.29 -1.77 -1.93
N LYS D 162 -7.86 -0.93 -2.86
CA LYS D 162 -6.61 -0.17 -2.71
C LYS D 162 -6.87 1.32 -2.82
N TRP D 163 -7.83 1.71 -3.65
CA TRP D 163 -8.06 3.12 -3.96
C TRP D 163 -9.39 3.64 -3.46
N PRO D 164 -9.34 4.66 -2.59
CA PRO D 164 -10.56 5.22 -2.02
C PRO D 164 -11.30 6.11 -3.02
N TYR D 165 -12.61 6.23 -2.79
CA TYR D 165 -13.48 7.05 -3.62
C TYR D 165 -14.87 7.14 -2.96
N PRO D 166 -15.63 8.21 -3.27
CA PRO D 166 -16.96 8.38 -2.70
C PRO D 166 -17.88 7.17 -2.93
N GLY D 167 -18.55 6.72 -1.86
CA GLY D 167 -19.48 5.59 -1.91
C GLY D 167 -18.82 4.23 -1.99
N SER D 168 -17.49 4.19 -1.90
CA SER D 168 -16.78 2.92 -1.91
C SER D 168 -17.02 2.18 -0.62
N HIS D 169 -17.08 2.95 0.47
CA HIS D 169 -17.17 2.47 1.86
C HIS D 169 -16.96 0.97 2.06
N VAL D 170 -18.06 0.22 2.20
CA VAL D 170 -18.03 -1.21 2.57
C VAL D 170 -17.50 -2.12 1.46
N TYR D 171 -17.88 -1.83 0.23
CA TYR D 171 -17.38 -2.60 -0.91
C TYR D 171 -15.85 -2.62 -0.97
N GLY D 172 -15.22 -1.45 -0.87
CA GLY D 172 -13.78 -1.30 -0.90
C GLY D 172 -13.13 -1.98 0.30
N GLY D 173 -13.73 -1.82 1.47
CA GLY D 173 -13.25 -2.51 2.68
C GLY D 173 -13.23 -4.00 2.43
N THR D 174 -14.35 -4.51 1.96
CA THR D 174 -14.48 -5.90 1.55
C THR D 174 -13.35 -6.36 0.58
N LYS D 175 -13.01 -5.54 -0.41
CA LYS D 175 -11.96 -5.91 -1.35
C LYS D 175 -10.54 -5.74 -0.80
N ALA D 176 -10.37 -4.85 0.17
CA ALA D 176 -9.12 -4.76 0.92
C ALA D 176 -8.97 -6.00 1.81
N PHE D 177 -10.08 -6.46 2.39
CA PHE D 177 -10.07 -7.75 3.10
C PHE D 177 -9.53 -8.85 2.19
N VAL D 178 -10.10 -8.95 0.99
CA VAL D 178 -9.73 -10.04 0.06
C VAL D 178 -8.24 -10.03 -0.29
N GLU D 179 -7.69 -8.85 -0.53
CA GLU D 179 -6.27 -8.70 -0.90
C GLU D 179 -5.34 -9.17 0.20
N GLN D 180 -5.61 -8.74 1.43
CA GLN D 180 -4.78 -9.09 2.55
C GLN D 180 -4.91 -10.56 2.91
N PHE D 181 -6.13 -11.08 2.84
CA PHE D 181 -6.38 -12.51 3.08
C PHE D 181 -5.58 -13.37 2.08
N SER D 182 -5.63 -12.97 0.82
CA SER D 182 -4.84 -13.59 -0.24
C SER D 182 -3.36 -13.72 0.12
N LEU D 183 -2.73 -12.60 0.48
CA LEU D 183 -1.30 -12.60 0.81
C LEU D 183 -1.01 -13.41 2.07
N ASN D 184 -1.86 -13.28 3.08
CA ASN D 184 -1.76 -14.03 4.34
C ASN D 184 -1.85 -15.53 4.16
N LEU D 185 -2.76 -15.94 3.27
CA LEU D 185 -2.98 -17.34 2.93
C LEU D 185 -1.69 -18.01 2.44
N ARG D 186 -0.94 -17.29 1.60
CA ARG D 186 0.33 -17.77 1.07
C ARG D 186 1.32 -18.15 2.17
N CYS D 187 1.25 -17.45 3.30
CA CYS D 187 2.10 -17.70 4.47
C CYS D 187 1.73 -18.98 5.20
N ASP D 188 0.49 -19.43 5.06
CA ASP D 188 0.03 -20.66 5.67
C ASP D 188 0.21 -21.89 4.76
N LEU D 189 0.44 -21.64 3.47
CA LEU D 189 0.44 -22.72 2.45
C LEU D 189 1.83 -23.12 1.98
N GLN D 190 2.85 -22.69 2.71
CA GLN D 190 4.23 -23.09 2.39
C GLN D 190 4.37 -24.61 2.39
N GLY D 191 5.00 -25.14 1.33
CA GLY D 191 5.28 -26.57 1.22
C GLY D 191 4.17 -27.37 0.55
N THR D 192 3.03 -26.73 0.32
CA THR D 192 1.89 -27.42 -0.26
C THR D 192 1.89 -27.38 -1.80
N GLY D 193 2.49 -26.33 -2.37
CA GLY D 193 2.43 -26.10 -3.81
C GLY D 193 1.25 -25.24 -4.28
N VAL D 194 0.30 -25.00 -3.38
CA VAL D 194 -0.90 -24.24 -3.72
C VAL D 194 -0.58 -22.75 -3.94
N ARG D 195 -1.09 -22.18 -5.01
CA ARG D 195 -0.83 -20.80 -5.33
C ARG D 195 -2.05 -19.96 -5.04
N VAL D 196 -1.82 -18.71 -4.61
CA VAL D 196 -2.92 -17.80 -4.34
C VAL D 196 -2.61 -16.49 -5.01
N THR D 197 -3.60 -15.99 -5.77
CA THR D 197 -3.47 -14.75 -6.52
C THR D 197 -4.65 -13.87 -6.18
N ASN D 198 -4.37 -12.59 -5.88
CA ASN D 198 -5.42 -11.60 -5.86
C ASN D 198 -5.48 -10.84 -7.19
N LEU D 199 -6.63 -10.92 -7.87
CA LEU D 199 -6.84 -10.20 -9.11
C LEU D 199 -7.77 -9.03 -8.84
N GLU D 200 -7.38 -7.87 -9.35
CA GLU D 200 -7.99 -6.62 -8.96
C GLU D 200 -8.43 -5.84 -10.19
N PRO D 201 -9.64 -6.12 -10.70
CA PRO D 201 -10.14 -5.44 -11.91
C PRO D 201 -10.71 -4.04 -11.63
N GLY D 202 -10.64 -3.18 -12.64
CA GLY D 202 -11.24 -1.87 -12.57
C GLY D 202 -12.54 -1.84 -13.34
N LEU D 203 -12.78 -0.77 -14.07
CA LEU D 203 -14.04 -0.56 -14.78
C LEU D 203 -14.40 -1.69 -15.76
N CYS D 204 -15.52 -2.36 -15.48
CA CYS D 204 -16.02 -3.45 -16.30
C CYS D 204 -17.35 -3.08 -16.97
N GLU D 205 -17.70 -3.83 -18.02
CA GLU D 205 -18.92 -3.59 -18.82
C GLU D 205 -20.24 -3.57 -18.00
N SER D 206 -20.33 -4.43 -16.99
CA SER D 206 -21.46 -4.38 -16.03
C SER D 206 -21.55 -3.03 -15.32
N GLY D 226 -17.82 5.30 -24.77
CA GLY D 226 -16.57 4.99 -25.48
C GLY D 226 -15.37 4.81 -24.55
N ALA D 227 -15.56 4.09 -23.45
CA ALA D 227 -14.47 3.89 -22.49
C ALA D 227 -13.75 2.55 -22.70
N HIS D 228 -14.32 1.71 -23.56
CA HIS D 228 -13.76 0.40 -23.87
C HIS D 228 -13.29 -0.32 -22.59
N PRO D 229 -14.25 -0.61 -21.68
CA PRO D 229 -13.97 -1.17 -20.36
C PRO D 229 -13.60 -2.64 -20.42
N ILE D 230 -13.05 -3.16 -19.33
CA ILE D 230 -12.82 -4.59 -19.18
C ILE D 230 -14.09 -5.40 -19.52
N GLN D 231 -13.95 -6.34 -20.45
CA GLN D 231 -15.00 -7.33 -20.77
C GLN D 231 -14.79 -8.55 -19.86
N PRO D 232 -15.89 -9.30 -19.57
CA PRO D 232 -15.75 -10.48 -18.70
C PRO D 232 -14.79 -11.52 -19.30
N GLU D 233 -14.76 -11.61 -20.63
CA GLU D 233 -13.84 -12.49 -21.35
C GLU D 233 -12.36 -12.12 -21.11
N ASP D 234 -12.07 -10.84 -20.86
CA ASP D 234 -10.71 -10.41 -20.49
C ASP D 234 -10.31 -10.95 -19.11
N ILE D 235 -11.24 -10.85 -18.15
CA ILE D 235 -11.01 -11.44 -16.83
C ILE D 235 -10.79 -12.93 -16.93
N ALA D 236 -11.67 -13.62 -17.65
CA ALA D 236 -11.54 -15.06 -17.92
C ALA D 236 -10.19 -15.44 -18.56
N GLU D 237 -9.78 -14.68 -19.57
CA GLU D 237 -8.46 -14.83 -20.21
C GLU D 237 -7.30 -14.68 -19.23
N THR D 238 -7.39 -13.71 -18.33
CA THR D 238 -6.29 -13.49 -17.38
C THR D 238 -6.22 -14.50 -16.23
N ILE D 239 -7.37 -15.02 -15.82
CA ILE D 239 -7.42 -16.07 -14.80
C ILE D 239 -6.87 -17.37 -15.39
N PHE D 240 -7.18 -17.64 -16.66
CA PHE D 240 -6.63 -18.80 -17.33
C PHE D 240 -5.10 -18.77 -17.39
N TRP D 241 -4.54 -17.60 -17.71
CA TRP D 241 -3.09 -17.40 -17.73
C TRP D 241 -2.48 -17.58 -16.33
N ILE D 242 -3.14 -17.01 -15.32
CA ILE D 242 -2.76 -17.19 -13.92
C ILE D 242 -2.74 -18.65 -13.50
N MSE D 243 -3.84 -19.36 -13.76
CA MSE D 243 -3.98 -20.75 -13.30
C MSE D 243 -3.11 -21.75 -14.05
O MSE D 243 -2.80 -22.85 -13.52
CB MSE D 243 -5.44 -21.17 -13.31
CG MSE D 243 -6.29 -20.44 -12.26
SE MSE D 243 -8.01 -21.32 -12.06
CE MSE D 243 -8.31 -20.91 -10.16
N ASN D 244 -2.71 -21.38 -15.27
CA ASN D 244 -1.82 -22.20 -16.08
C ASN D 244 -0.33 -21.82 -15.96
N GLN D 245 -0.02 -20.94 -15.01
CA GLN D 245 1.36 -20.60 -14.69
C GLN D 245 2.21 -21.83 -14.31
N PRO D 246 3.49 -21.88 -14.78
CA PRO D 246 4.43 -22.89 -14.27
C PRO D 246 4.25 -23.05 -12.77
N ALA D 247 4.39 -24.29 -12.28
CA ALA D 247 4.10 -24.63 -10.88
C ALA D 247 4.93 -23.88 -9.86
N HIS D 248 6.15 -23.50 -10.25
CA HIS D 248 7.12 -22.89 -9.33
C HIS D 248 6.88 -21.41 -9.04
N LEU D 249 5.87 -20.85 -9.70
CA LEU D 249 5.61 -19.42 -9.73
C LEU D 249 4.28 -19.07 -9.11
N ASN D 250 4.27 -18.01 -8.32
CA ASN D 250 3.03 -17.48 -7.79
C ASN D 250 2.83 -16.03 -8.19
N ILE D 251 1.74 -15.75 -8.91
CA ILE D 251 1.33 -14.39 -9.12
C ILE D 251 0.59 -13.91 -7.86
N ASN D 252 1.25 -13.06 -7.07
CA ASN D 252 0.67 -12.55 -5.82
C ASN D 252 -0.57 -11.72 -6.09
N SER D 253 -0.43 -10.77 -7.03
CA SER D 253 -1.53 -9.88 -7.42
C SER D 253 -1.29 -9.30 -8.79
N LEU D 254 -2.39 -8.89 -9.40
CA LEU D 254 -2.42 -8.33 -10.74
C LEU D 254 -3.59 -7.37 -10.72
N GLU D 255 -3.29 -6.08 -10.83
CA GLU D 255 -4.31 -5.08 -10.93
C GLU D 255 -4.36 -4.68 -12.38
N ILE D 256 -5.56 -4.65 -12.92
CA ILE D 256 -5.78 -4.41 -14.33
C ILE D 256 -6.93 -3.44 -14.49
N MSE D 257 -6.70 -2.38 -15.26
CA MSE D 257 -7.74 -1.41 -15.55
C MSE D 257 -7.91 -1.30 -17.06
O MSE D 257 -6.98 -1.60 -17.80
CB MSE D 257 -7.38 -0.02 -15.01
CG MSE D 257 -7.48 0.13 -13.53
SE MSE D 257 -7.01 1.95 -12.99
CE MSE D 257 -7.24 1.74 -11.10
N PRO D 258 -9.11 -0.88 -17.51
CA PRO D 258 -9.14 -0.46 -18.89
C PRO D 258 -8.19 0.74 -19.02
N VAL D 259 -7.44 0.80 -20.10
CA VAL D 259 -6.46 1.88 -20.27
C VAL D 259 -7.11 3.27 -20.14
N SER D 260 -8.42 3.33 -20.44
CA SER D 260 -9.19 4.57 -20.34
C SER D 260 -9.32 5.04 -18.90
N GLN D 261 -9.02 4.15 -17.94
CA GLN D 261 -9.16 4.43 -16.52
C GLN D 261 -7.82 4.71 -15.83
N SER D 262 -7.78 5.81 -15.07
CA SER D 262 -6.64 6.16 -14.23
C SER D 262 -7.13 6.84 -12.95
N TRP D 263 -6.26 7.61 -12.29
CA TRP D 263 -6.57 8.20 -10.99
C TRP D 263 -6.77 9.68 -11.09
N ALA D 264 -7.84 10.17 -10.45
CA ALA D 264 -8.21 11.58 -10.51
C ALA D 264 -7.47 12.43 -9.47
N GLY D 265 -6.94 11.79 -8.44
CA GLY D 265 -6.31 12.49 -7.34
C GLY D 265 -7.26 12.85 -6.21
N PHE D 266 -7.18 14.10 -5.76
CA PHE D 266 -7.85 14.52 -4.53
C PHE D 266 -9.02 15.45 -4.82
N ALA D 267 -9.99 15.45 -3.90
CA ALA D 267 -11.08 16.41 -3.92
C ALA D 267 -10.91 17.35 -2.74
N ILE D 268 -11.17 18.64 -2.97
CA ILE D 268 -11.18 19.63 -1.90
C ILE D 268 -12.59 20.18 -1.81
N HIS D 269 -13.21 20.06 -0.63
CA HIS D 269 -14.57 20.54 -0.45
C HIS D 269 -14.60 22.07 -0.34
S SO4 E . 16.33 26.83 1.75
O1 SO4 E . 15.24 27.18 0.84
O2 SO4 E . 17.29 25.92 1.13
O3 SO4 E . 17.00 28.07 2.10
O4 SO4 E . 15.78 26.24 2.95
S SO4 F . 24.99 -3.55 -19.18
O1 SO4 F . 23.95 -4.57 -19.29
O2 SO4 F . 25.79 -3.76 -17.98
O3 SO4 F . 25.90 -3.67 -20.31
O4 SO4 F . 24.33 -2.25 -19.18
S SO4 G . -15.74 -6.43 26.58
O1 SO4 G . -16.78 -6.65 25.57
O2 SO4 G . -14.70 -7.47 26.48
O3 SO4 G . -15.13 -5.11 26.43
O4 SO4 G . -16.34 -6.50 27.91
S SO4 H . -25.37 -16.24 -9.23
O1 SO4 H . -26.35 -17.17 -9.81
O2 SO4 H . -24.05 -16.46 -9.81
O3 SO4 H . -25.87 -14.88 -9.52
O4 SO4 H . -25.27 -16.48 -7.79
#